data_6UHT
#
_entry.id   6UHT
#
_cell.length_a   223.147
_cell.length_b   223.147
_cell.length_c   58.491
_cell.angle_alpha   90.0
_cell.angle_beta   90.0
_cell.angle_gamma   120.0
#
_symmetry.space_group_name_H-M   'P 63'
#
loop_
_entity.id
_entity.type
_entity.pdbx_description
1 polymer 'Botulinum neurotoxin type B'
2 polymer JLI-G10
3 water water
#
loop_
_entity_poly.entity_id
_entity_poly.type
_entity_poly.pdbx_seq_one_letter_code
_entity_poly.pdbx_strand_id
1 'polypeptide(L)'
;GPLGSEILNNIILNLRYKDNNLIDLSGYGAKVEVYDGVELNDKNQFKLTSSANSKIRVTQNQNIIFNSVFLDFSVSFWIR
IPKYKNDGIQNYIHNEYTIINCMKNNSGWKISIRGNRIIWTLIDINGKTKSVFFEYNIREDISEYINRWFFVTITNNLNN
AKIYINGKLESNTDIKDIREVIANGEIIFKLDGDIDRTQFIWMKYFSIFNTELSQSNIEERYKIQSYSEYLKDFWGNPLM
YNKEYYMFNAGNKNSYIKLKKDSPVGEILTRSKYNQNSKYINYRDLYIGEKFIIRRKSNSQSINDDIVRKEDYIYLDFFN
LNQEWRVYTYKYFKKEEEKLFLAPISDSDEFYNTIQIKEYDEQPTYSCQLLFKKDEESTDEIGLIGIHRFYESGIVFEEY
KDYFCISKWYLKEVKRKPYNLKLGCNWQFIPKDEGWTE
;
A,B
2 'polypeptide(L)'
;GPLGSQVQLVESGGGLVQAGGSLRLSCAASILTYDLDYYYIGWVRQAPGKEREGVSCISSTDGATYYADSVKGRFTISRN
NAKNTVYLQMNNLKPEDTAIYYCAAAPLAGRYCPASHEYGYWGQGTQVTVSSAHHSEDPS
;
C,D
#
# COMPACT_ATOMS: atom_id res chain seq x y z
N LEU A 3 -3.89 -17.77 -35.05
CA LEU A 3 -3.78 -18.79 -36.10
C LEU A 3 -4.22 -18.13 -37.41
N GLY A 4 -4.04 -16.81 -37.46
CA GLY A 4 -4.50 -16.02 -38.58
C GLY A 4 -5.50 -14.98 -38.11
N SER A 5 -5.90 -14.08 -38.99
CA SER A 5 -6.83 -13.02 -38.59
C SER A 5 -8.05 -12.89 -39.51
N GLU A 6 -7.86 -12.22 -40.64
CA GLU A 6 -8.90 -12.05 -41.65
C GLU A 6 -8.40 -12.74 -42.90
N ILE A 7 -9.26 -13.57 -43.49
CA ILE A 7 -8.90 -14.29 -44.71
C ILE A 7 -10.10 -14.36 -45.66
N LEU A 8 -10.20 -13.37 -46.54
CA LEU A 8 -11.35 -13.36 -47.46
C LEU A 8 -10.97 -13.91 -48.79
N ASN A 9 -10.69 -15.20 -48.77
CA ASN A 9 -10.45 -15.99 -49.96
C ASN A 9 -9.22 -15.64 -50.73
N ASN A 10 -8.29 -14.97 -50.08
CA ASN A 10 -7.11 -14.55 -50.74
C ASN A 10 -5.94 -15.20 -50.07
N ILE A 11 -6.17 -16.08 -49.13
CA ILE A 11 -5.04 -16.67 -48.45
C ILE A 11 -4.56 -17.95 -49.14
N ILE A 12 -3.27 -18.01 -49.45
CA ILE A 12 -2.76 -19.17 -50.17
C ILE A 12 -1.65 -19.90 -49.42
N LEU A 13 -1.15 -19.31 -48.35
CA LEU A 13 -0.24 -20.00 -47.45
C LEU A 13 -0.48 -19.47 -46.06
N ASN A 14 -0.65 -20.39 -45.10
CA ASN A 14 -1.02 -20.08 -43.72
C ASN A 14 -0.29 -21.02 -42.75
N LEU A 15 0.97 -20.71 -42.44
CA LEU A 15 1.81 -21.54 -41.56
C LEU A 15 1.46 -21.39 -40.12
N ARG A 16 0.97 -22.47 -39.53
CA ARG A 16 0.58 -22.44 -38.13
C ARG A 16 1.10 -23.65 -37.35
N TYR A 17 1.24 -23.46 -36.05
CA TYR A 17 1.72 -24.53 -35.18
C TYR A 17 0.62 -25.56 -35.03
N LYS A 18 1.00 -26.83 -35.15
CA LYS A 18 0.11 -27.94 -34.85
C LYS A 18 0.93 -29.13 -34.40
N ASP A 19 0.65 -29.62 -33.19
CA ASP A 19 1.29 -30.86 -32.71
C ASP A 19 2.80 -30.88 -32.83
N ASN A 20 3.49 -29.95 -32.17
CA ASN A 20 4.94 -29.86 -32.29
C ASN A 20 5.44 -29.85 -33.74
N ASN A 21 4.70 -29.16 -34.61
CA ASN A 21 5.12 -29.04 -36.00
C ASN A 21 4.51 -27.75 -36.61
N LEU A 22 4.90 -27.38 -37.81
CA LEU A 22 4.22 -26.30 -38.52
C LEU A 22 3.48 -26.91 -39.71
N ILE A 23 2.30 -26.40 -40.01
CA ILE A 23 1.47 -26.96 -41.06
C ILE A 23 0.85 -25.84 -41.89
N ASP A 24 0.65 -26.08 -43.18
CA ASP A 24 -0.08 -25.14 -44.02
C ASP A 24 -1.58 -25.38 -43.89
N LEU A 25 -2.27 -24.42 -43.27
CA LEU A 25 -3.71 -24.50 -43.09
C LEU A 25 -4.53 -23.69 -44.09
N SER A 26 -3.92 -23.29 -45.20
CA SER A 26 -4.57 -22.45 -46.20
C SER A 26 -5.68 -23.19 -46.90
N GLY A 27 -5.57 -24.52 -46.94
CA GLY A 27 -6.51 -25.32 -47.70
C GLY A 27 -5.94 -25.74 -49.04
N TYR A 28 -4.69 -25.35 -49.29
CA TYR A 28 -4.01 -25.78 -50.51
C TYR A 28 -3.04 -26.92 -50.24
N GLY A 29 -2.83 -27.23 -48.97
CA GLY A 29 -2.07 -28.41 -48.59
C GLY A 29 -0.63 -28.41 -49.05
N ALA A 30 0.07 -27.29 -48.86
CA ALA A 30 1.50 -27.23 -49.12
C ALA A 30 2.26 -28.18 -48.20
N LYS A 31 3.36 -28.75 -48.70
CA LYS A 31 4.20 -29.58 -47.84
C LYS A 31 5.16 -28.71 -47.02
N VAL A 32 5.27 -29.00 -45.72
CA VAL A 32 6.12 -28.26 -44.80
C VAL A 32 7.11 -29.16 -44.06
N GLU A 33 8.40 -28.86 -44.17
CA GLU A 33 9.41 -29.64 -43.48
C GLU A 33 10.21 -28.77 -42.52
N VAL A 34 10.00 -29.00 -41.24
CA VAL A 34 10.71 -28.31 -40.18
C VAL A 34 11.88 -29.16 -39.72
N TYR A 35 13.09 -28.68 -39.92
CA TYR A 35 14.24 -29.44 -39.51
C TYR A 35 14.57 -29.16 -38.05
N ASP A 36 15.50 -29.93 -37.49
CA ASP A 36 15.73 -30.00 -36.05
C ASP A 36 16.34 -28.78 -35.39
N GLY A 37 16.94 -27.88 -36.17
CA GLY A 37 17.57 -26.70 -35.62
C GLY A 37 16.57 -25.59 -35.35
N VAL A 38 15.32 -25.84 -35.69
CA VAL A 38 14.26 -24.85 -35.48
C VAL A 38 13.49 -25.12 -34.19
N GLU A 39 13.52 -24.17 -33.27
CA GLU A 39 12.73 -24.25 -32.05
C GLU A 39 11.31 -23.71 -32.28
N LEU A 40 10.31 -24.49 -31.89
CA LEU A 40 8.90 -24.11 -32.01
C LEU A 40 8.28 -24.05 -30.65
N ASN A 41 7.21 -23.27 -30.48
CA ASN A 41 6.44 -23.42 -29.26
C ASN A 41 4.95 -23.25 -29.60
N ASP A 42 4.07 -23.56 -28.64
CA ASP A 42 2.64 -23.57 -28.92
C ASP A 42 2.04 -22.17 -28.90
N LYS A 43 2.87 -21.15 -28.77
CA LYS A 43 2.40 -19.79 -28.98
C LYS A 43 2.69 -19.36 -30.42
N ASN A 44 2.95 -20.35 -31.30
CA ASN A 44 3.17 -20.16 -32.74
C ASN A 44 4.46 -19.41 -33.12
N GLN A 45 5.43 -19.39 -32.20
CA GLN A 45 6.69 -18.70 -32.45
C GLN A 45 7.73 -19.71 -32.93
N PHE A 46 8.53 -19.38 -33.95
CA PHE A 46 9.67 -20.26 -34.29
C PHE A 46 10.98 -19.50 -34.40
N LYS A 47 12.05 -20.18 -34.02
CA LYS A 47 13.36 -19.55 -33.93
C LYS A 47 14.27 -20.08 -35.03
N LEU A 48 14.80 -19.18 -35.85
CA LEU A 48 15.85 -19.54 -36.81
C LEU A 48 17.20 -19.16 -36.21
N THR A 49 18.13 -20.11 -36.18
CA THR A 49 19.45 -19.86 -35.61
C THR A 49 20.54 -19.97 -36.66
N SER A 50 21.79 -19.90 -36.22
CA SER A 50 22.92 -19.96 -37.13
C SER A 50 23.26 -21.39 -37.53
N SER A 51 22.67 -22.37 -36.85
CA SER A 51 23.05 -23.76 -37.12
C SER A 51 22.50 -24.26 -38.48
N ALA A 52 23.20 -25.20 -39.08
CA ALA A 52 22.90 -25.67 -40.43
C ALA A 52 21.52 -26.31 -40.52
N ASN A 53 21.08 -27.00 -39.48
CA ASN A 53 19.78 -27.65 -39.55
C ASN A 53 18.64 -26.73 -39.07
N SER A 54 18.91 -25.44 -38.90
CA SER A 54 17.85 -24.51 -38.48
C SER A 54 17.12 -23.94 -39.68
N LYS A 55 16.25 -24.73 -40.27
CA LYS A 55 15.56 -24.31 -41.49
C LYS A 55 14.18 -24.94 -41.67
N ILE A 56 13.35 -24.26 -42.45
CA ILE A 56 12.05 -24.77 -42.84
C ILE A 56 11.96 -24.78 -44.36
N ARG A 57 11.55 -25.89 -44.92
CA ARG A 57 11.27 -25.89 -46.34
C ARG A 57 9.79 -26.06 -46.56
N VAL A 58 9.20 -25.09 -47.23
CA VAL A 58 7.82 -25.20 -47.66
C VAL A 58 7.77 -25.45 -49.16
N THR A 59 7.21 -26.59 -49.53
CA THR A 59 6.98 -26.88 -50.93
C THR A 59 5.54 -26.52 -51.27
N GLN A 60 5.38 -25.51 -52.10
CA GLN A 60 4.05 -25.07 -52.48
C GLN A 60 3.52 -26.07 -53.47
N ASN A 61 2.19 -26.07 -53.62
CA ASN A 61 1.49 -27.13 -54.30
C ASN A 61 1.53 -26.91 -55.82
N GLN A 62 2.38 -27.67 -56.51
CA GLN A 62 2.51 -27.54 -57.97
C GLN A 62 1.50 -28.42 -58.68
N ASN A 63 0.81 -29.27 -57.92
CA ASN A 63 -0.14 -30.23 -58.48
C ASN A 63 -1.53 -29.66 -58.78
N ILE A 64 -1.72 -28.38 -58.47
CA ILE A 64 -2.99 -27.72 -58.73
C ILE A 64 -2.97 -26.96 -60.07
N ILE A 65 -4.07 -27.03 -60.81
CA ILE A 65 -4.17 -26.35 -62.10
C ILE A 65 -4.24 -24.83 -61.92
N PHE A 66 -5.06 -24.42 -60.95
CA PHE A 66 -5.27 -23.01 -60.67
C PHE A 66 -3.97 -22.33 -60.24
N ASN A 67 -3.56 -21.32 -61.01
CA ASN A 67 -2.42 -20.50 -60.61
C ASN A 67 -2.92 -19.26 -59.89
N SER A 68 -2.61 -19.21 -58.59
CA SER A 68 -3.22 -18.23 -57.70
C SER A 68 -2.61 -16.83 -57.84
N VAL A 69 -1.29 -16.74 -58.04
CA VAL A 69 -0.64 -15.42 -58.03
C VAL A 69 -0.13 -14.90 -59.37
N PHE A 70 -0.61 -13.73 -59.77
CA PHE A 70 -0.06 -13.14 -60.97
C PHE A 70 0.81 -11.95 -60.53
N LEU A 71 0.25 -10.75 -60.62
CA LEU A 71 0.97 -9.55 -60.20
C LEU A 71 0.77 -9.20 -58.71
N ASP A 72 -0.45 -9.38 -58.23
CA ASP A 72 -0.85 -8.96 -56.89
C ASP A 72 -0.69 -9.97 -55.77
N PHE A 73 0.14 -9.65 -54.78
CA PHE A 73 0.26 -10.54 -53.62
C PHE A 73 0.89 -9.87 -52.42
N SER A 74 0.62 -10.46 -51.25
CA SER A 74 1.06 -9.93 -49.97
C SER A 74 1.64 -11.02 -49.09
N VAL A 75 2.54 -10.62 -48.21
CA VAL A 75 3.18 -11.48 -47.23
C VAL A 75 3.04 -10.85 -45.87
N SER A 76 2.65 -11.63 -44.84
CA SER A 76 2.58 -11.05 -43.50
C SER A 76 3.19 -11.99 -42.45
N PHE A 77 3.69 -11.41 -41.36
CA PHE A 77 4.32 -12.13 -40.28
C PHE A 77 4.67 -11.20 -39.16
N TRP A 78 4.84 -11.79 -37.98
CA TRP A 78 5.38 -11.11 -36.84
C TRP A 78 6.85 -11.50 -36.72
N ILE A 79 7.67 -10.60 -36.19
CA ILE A 79 9.08 -10.89 -36.09
C ILE A 79 9.67 -10.28 -34.82
N ARG A 80 10.71 -10.90 -34.29
CA ARG A 80 11.39 -10.32 -33.14
C ARG A 80 12.87 -10.44 -33.38
N ILE A 81 13.51 -9.28 -33.51
CA ILE A 81 14.89 -9.20 -33.95
C ILE A 81 15.78 -8.75 -32.84
N PRO A 82 16.77 -9.58 -32.47
CA PRO A 82 17.60 -9.26 -31.31
C PRO A 82 18.41 -7.99 -31.52
N LYS A 83 18.66 -7.27 -30.43
CA LYS A 83 19.49 -6.08 -30.41
C LYS A 83 20.93 -6.39 -30.87
N TYR A 84 21.57 -5.42 -31.48
CA TYR A 84 23.00 -5.48 -31.75
C TYR A 84 23.76 -5.80 -30.47
N LYS A 85 24.85 -6.53 -30.63
CA LYS A 85 25.86 -6.67 -29.60
C LYS A 85 26.70 -5.41 -29.64
N ASN A 86 26.91 -4.77 -28.48
CA ASN A 86 27.64 -3.50 -28.41
C ASN A 86 29.08 -3.60 -28.99
N ASP A 87 29.73 -4.74 -28.86
CA ASP A 87 31.07 -4.91 -29.44
C ASP A 87 31.05 -5.43 -30.88
N GLY A 88 29.85 -5.61 -31.44
CA GLY A 88 29.71 -6.16 -32.78
C GLY A 88 28.93 -5.27 -33.71
N ILE A 89 28.97 -3.98 -33.46
CA ILE A 89 28.20 -3.02 -34.25
C ILE A 89 28.59 -3.02 -35.73
N GLN A 90 29.88 -3.14 -36.01
CA GLN A 90 30.35 -3.11 -37.40
C GLN A 90 29.78 -4.26 -38.24
N ASN A 91 29.85 -5.49 -37.73
CA ASN A 91 29.22 -6.60 -38.44
C ASN A 91 27.70 -6.48 -38.53
N TYR A 92 27.09 -5.96 -37.46
CA TYR A 92 25.64 -5.75 -37.41
C TYR A 92 25.26 -4.79 -38.51
N ILE A 93 25.97 -3.67 -38.60
CA ILE A 93 25.65 -2.67 -39.61
C ILE A 93 25.91 -3.12 -41.07
N HIS A 94 26.94 -3.93 -41.29
CA HIS A 94 27.36 -4.21 -42.67
C HIS A 94 26.96 -5.56 -43.24
N ASN A 95 26.82 -6.58 -42.41
CA ASN A 95 26.54 -7.91 -42.94
C ASN A 95 25.04 -8.18 -43.14
N GLU A 96 24.63 -8.27 -44.41
CA GLU A 96 23.23 -8.57 -44.70
C GLU A 96 23.02 -10.08 -44.78
N TYR A 97 21.93 -10.55 -44.19
CA TYR A 97 21.62 -11.98 -44.24
C TYR A 97 20.16 -12.21 -44.64
N THR A 98 19.98 -13.18 -45.50
CA THR A 98 18.65 -13.63 -45.93
C THR A 98 18.00 -14.39 -44.77
N ILE A 99 16.68 -14.27 -44.61
CA ILE A 99 15.98 -15.05 -43.61
C ILE A 99 14.88 -15.88 -44.28
N ILE A 100 14.27 -15.36 -45.34
CA ILE A 100 13.33 -16.18 -46.11
C ILE A 100 13.55 -16.02 -47.62
N ASN A 101 13.71 -17.15 -48.29
CA ASN A 101 14.05 -17.14 -49.69
C ASN A 101 13.07 -17.97 -50.53
N CYS A 102 12.52 -17.36 -51.57
CA CYS A 102 11.62 -18.07 -52.48
C CYS A 102 12.01 -17.85 -53.96
N MET A 103 12.86 -18.72 -54.50
CA MET A 103 13.34 -18.55 -55.87
C MET A 103 13.04 -19.75 -56.73
N LYS A 104 12.75 -19.48 -57.99
CA LYS A 104 12.61 -20.51 -59.00
C LYS A 104 12.97 -19.91 -60.36
N ASN A 105 14.02 -20.45 -60.97
CA ASN A 105 14.50 -19.99 -62.27
C ASN A 105 14.88 -18.51 -62.25
N ASN A 106 15.71 -18.12 -61.29
CA ASN A 106 16.21 -16.75 -61.17
C ASN A 106 15.11 -15.70 -61.08
N SER A 107 13.98 -16.10 -60.51
CA SER A 107 12.88 -15.19 -60.24
C SER A 107 12.22 -15.56 -58.90
N GLY A 108 11.62 -14.58 -58.22
CA GLY A 108 10.98 -14.83 -56.95
C GLY A 108 11.07 -13.66 -55.99
N TRP A 109 11.14 -13.96 -54.71
CA TRP A 109 11.22 -12.90 -53.73
C TRP A 109 12.09 -13.31 -52.56
N LYS A 110 12.55 -12.33 -51.77
CA LYS A 110 13.23 -12.69 -50.55
C LYS A 110 13.13 -11.63 -49.49
N ILE A 111 13.19 -12.10 -48.25
CA ILE A 111 13.21 -11.25 -47.10
C ILE A 111 14.59 -11.37 -46.46
N SER A 112 15.25 -10.24 -46.22
CA SER A 112 16.59 -10.25 -45.64
C SER A 112 16.73 -9.16 -44.59
N ILE A 113 17.77 -9.24 -43.80
CA ILE A 113 18.01 -8.26 -42.75
C ILE A 113 19.43 -7.74 -42.79
N ARG A 114 19.60 -6.44 -42.65
CA ARG A 114 20.94 -5.92 -42.44
C ARG A 114 20.87 -4.98 -41.28
N GLY A 115 21.38 -5.46 -40.15
CA GLY A 115 21.33 -4.69 -38.91
C GLY A 115 19.91 -4.33 -38.52
N ASN A 116 19.64 -3.02 -38.45
CA ASN A 116 18.34 -2.50 -38.05
C ASN A 116 17.43 -2.27 -39.24
N ARG A 117 17.71 -2.97 -40.34
CA ARG A 117 16.94 -2.83 -41.56
C ARG A 117 16.39 -4.17 -42.01
N ILE A 118 15.11 -4.21 -42.37
CA ILE A 118 14.54 -5.43 -42.93
C ILE A 118 14.19 -5.19 -44.40
N ILE A 119 14.56 -6.12 -45.27
CA ILE A 119 14.53 -5.84 -46.69
C ILE A 119 13.68 -6.84 -47.48
N TRP A 120 12.79 -6.29 -48.30
CA TRP A 120 11.96 -7.06 -49.23
C TRP A 120 12.48 -6.88 -50.64
N THR A 121 12.82 -7.99 -51.31
CA THR A 121 13.38 -7.93 -52.65
C THR A 121 12.52 -8.71 -53.64
N LEU A 122 12.20 -8.07 -54.77
CA LEU A 122 11.45 -8.70 -55.87
C LEU A 122 12.38 -8.96 -57.03
N ILE A 123 12.19 -10.09 -57.70
CA ILE A 123 12.97 -10.44 -58.87
C ILE A 123 12.02 -10.97 -59.94
N ASP A 124 11.80 -10.20 -61.01
CA ASP A 124 10.76 -10.58 -61.96
C ASP A 124 11.24 -11.72 -62.85
N ILE A 125 10.38 -12.17 -63.76
CA ILE A 125 10.74 -13.37 -64.55
C ILE A 125 12.00 -13.18 -65.39
N ASN A 126 12.35 -11.94 -65.71
CA ASN A 126 13.58 -11.64 -66.46
C ASN A 126 14.79 -11.55 -65.53
N GLY A 127 14.57 -11.51 -64.22
CA GLY A 127 15.66 -11.44 -63.27
C GLY A 127 15.91 -10.03 -62.80
N LYS A 128 15.09 -9.11 -63.28
CA LYS A 128 15.24 -7.70 -62.94
C LYS A 128 14.82 -7.49 -61.50
N THR A 129 15.62 -6.73 -60.74
CA THR A 129 15.45 -6.69 -59.30
C THR A 129 15.07 -5.33 -58.71
N LYS A 130 14.13 -5.34 -57.77
CA LYS A 130 13.81 -4.14 -57.02
C LYS A 130 13.70 -4.49 -55.55
N SER A 131 13.94 -3.50 -54.68
CA SER A 131 13.86 -3.68 -53.23
C SER A 131 13.14 -2.52 -52.51
N VAL A 132 12.63 -2.82 -51.33
CA VAL A 132 12.00 -1.84 -50.46
C VAL A 132 12.34 -2.27 -49.04
N PHE A 133 12.50 -1.33 -48.12
CA PHE A 133 12.97 -1.68 -46.80
C PHE A 133 12.34 -0.82 -45.72
N PHE A 134 12.33 -1.33 -44.50
CA PHE A 134 11.96 -0.53 -43.33
C PHE A 134 13.15 -0.58 -42.39
N GLU A 135 13.58 0.60 -41.94
CA GLU A 135 14.70 0.69 -41.02
C GLU A 135 14.27 1.43 -39.76
N TYR A 136 14.57 0.86 -38.60
CA TYR A 136 14.21 1.51 -37.36
C TYR A 136 15.44 2.09 -36.69
N ASN A 137 15.20 3.16 -35.97
CA ASN A 137 16.22 3.91 -35.28
C ASN A 137 17.00 3.05 -34.27
N ILE A 138 18.33 3.17 -34.27
CA ILE A 138 19.12 2.53 -33.21
C ILE A 138 19.75 3.58 -32.30
N ARG A 139 19.09 4.73 -32.18
CA ARG A 139 19.53 5.77 -31.28
C ARG A 139 18.39 6.26 -30.35
N GLU A 140 17.26 5.53 -30.32
CA GLU A 140 16.16 5.88 -29.42
C GLU A 140 16.53 5.57 -27.97
N ASP A 141 16.09 6.41 -27.03
CA ASP A 141 16.22 6.07 -25.62
C ASP A 141 15.54 4.73 -25.38
N ILE A 142 14.30 4.62 -25.86
CA ILE A 142 13.50 3.40 -25.78
C ILE A 142 12.92 3.12 -27.17
N SER A 143 13.28 1.98 -27.74
CA SER A 143 12.82 1.60 -29.07
C SER A 143 11.55 0.78 -29.00
N GLU A 144 10.64 1.01 -29.93
CA GLU A 144 9.42 0.22 -30.05
C GLU A 144 9.69 -1.10 -30.76
N TYR A 145 10.86 -1.24 -31.37
CA TYR A 145 11.09 -2.30 -32.33
C TYR A 145 12.19 -3.26 -31.92
N ILE A 146 13.26 -2.75 -31.32
CA ILE A 146 14.41 -3.58 -31.04
C ILE A 146 14.09 -4.70 -30.03
N ASN A 147 14.22 -5.95 -30.48
CA ASN A 147 13.97 -7.14 -29.67
C ASN A 147 12.53 -7.24 -29.16
N ARG A 148 11.62 -6.50 -29.76
CA ARG A 148 10.22 -6.58 -29.41
C ARG A 148 9.44 -7.10 -30.62
N TRP A 149 8.42 -7.92 -30.37
CA TRP A 149 7.56 -8.45 -31.45
C TRP A 149 6.89 -7.32 -32.18
N PHE A 150 7.02 -7.29 -33.50
CA PHE A 150 6.18 -6.38 -34.25
C PHE A 150 5.71 -7.02 -35.54
N PHE A 151 4.69 -6.40 -36.13
CA PHE A 151 3.94 -6.95 -37.21
C PHE A 151 4.32 -6.34 -38.56
N VAL A 152 4.76 -7.18 -39.49
CA VAL A 152 5.15 -6.77 -40.82
C VAL A 152 4.11 -7.22 -41.84
N THR A 153 3.74 -6.34 -42.75
CA THR A 153 2.98 -6.76 -43.91
C THR A 153 3.54 -6.12 -45.18
N ILE A 154 3.80 -6.94 -46.17
CA ILE A 154 4.32 -6.49 -47.45
C ILE A 154 3.28 -6.69 -48.53
N THR A 155 2.92 -5.62 -49.24
CA THR A 155 1.99 -5.76 -50.35
C THR A 155 2.66 -5.37 -51.67
N ASN A 156 2.18 -5.97 -52.75
CA ASN A 156 2.73 -5.81 -54.08
C ASN A 156 1.64 -5.68 -55.12
N ASN A 157 1.74 -4.68 -56.00
CA ASN A 157 0.91 -4.68 -57.21
C ASN A 157 1.78 -4.34 -58.44
N LEU A 158 1.16 -3.97 -59.55
CA LEU A 158 1.90 -3.57 -60.77
C LEU A 158 2.89 -2.42 -60.49
N ASN A 159 2.48 -1.48 -59.67
CA ASN A 159 3.16 -0.19 -59.54
C ASN A 159 3.97 0.01 -58.26
N ASN A 160 3.57 -0.64 -57.17
CA ASN A 160 4.19 -0.38 -55.87
C ASN A 160 4.46 -1.64 -55.03
N ALA A 161 5.58 -1.61 -54.30
CA ALA A 161 5.82 -2.54 -53.21
C ALA A 161 5.83 -1.75 -51.92
N LYS A 162 4.91 -2.09 -51.02
CA LYS A 162 4.73 -1.37 -49.76
C LYS A 162 5.06 -2.23 -48.56
N ILE A 163 5.61 -1.59 -47.53
CA ILE A 163 5.83 -2.24 -46.26
C ILE A 163 5.03 -1.56 -45.17
N TYR A 164 4.15 -2.33 -44.54
CA TYR A 164 3.42 -1.83 -43.38
C TYR A 164 4.04 -2.39 -42.13
N ILE A 165 4.12 -1.57 -41.09
CA ILE A 165 4.58 -2.00 -39.78
C ILE A 165 3.49 -1.71 -38.74
N ASN A 166 3.07 -2.75 -38.01
CA ASN A 166 2.00 -2.62 -37.03
C ASN A 166 0.79 -1.88 -37.58
N GLY A 167 0.46 -2.19 -38.83
CA GLY A 167 -0.73 -1.67 -39.47
C GLY A 167 -0.55 -0.35 -40.19
N LYS A 168 0.62 0.27 -40.04
CA LYS A 168 0.87 1.58 -40.62
C LYS A 168 1.88 1.54 -41.77
N LEU A 169 1.52 2.18 -42.88
CA LEU A 169 2.42 2.27 -44.03
C LEU A 169 3.70 3.00 -43.65
N GLU A 170 4.84 2.38 -43.96
CA GLU A 170 6.14 2.92 -43.58
C GLU A 170 7.04 3.14 -44.78
N SER A 171 6.92 2.24 -45.77
CA SER A 171 7.78 2.30 -46.95
C SER A 171 7.03 2.01 -48.22
N ASN A 172 7.60 2.45 -49.34
CA ASN A 172 6.94 2.34 -50.64
C ASN A 172 7.95 2.54 -51.78
N THR A 173 8.09 1.53 -52.62
CA THR A 173 8.99 1.59 -53.77
C THR A 173 8.18 1.42 -55.04
N ASP A 174 8.37 2.34 -55.98
CA ASP A 174 7.76 2.21 -57.30
C ASP A 174 8.43 1.07 -58.03
N ILE A 175 7.65 0.14 -58.61
CA ILE A 175 8.25 -0.98 -59.32
C ILE A 175 7.67 -1.15 -60.72
N LYS A 176 7.27 -0.03 -61.31
CA LYS A 176 6.73 -0.03 -62.67
C LYS A 176 7.72 -0.67 -63.63
N ASP A 177 9.01 -0.52 -63.32
CA ASP A 177 10.05 -0.97 -64.24
C ASP A 177 10.35 -2.45 -64.14
N ILE A 178 9.69 -3.17 -63.22
CA ILE A 178 9.72 -4.65 -63.25
C ILE A 178 8.33 -5.21 -63.54
N ARG A 179 8.25 -6.39 -64.12
CA ARG A 179 6.98 -7.02 -64.39
C ARG A 179 6.74 -8.10 -63.32
N GLU A 180 5.90 -9.09 -63.63
CA GLU A 180 5.50 -10.08 -62.64
C GLU A 180 6.65 -10.99 -62.25
N VAL A 181 6.51 -11.53 -61.06
CA VAL A 181 7.44 -12.45 -60.46
C VAL A 181 6.88 -13.88 -60.43
N ILE A 182 7.69 -14.86 -60.84
CA ILE A 182 7.32 -16.28 -60.69
C ILE A 182 7.45 -16.67 -59.23
N ALA A 183 6.32 -16.99 -58.60
CA ALA A 183 6.23 -17.11 -57.15
C ALA A 183 6.00 -18.52 -56.60
N ASN A 184 5.85 -19.53 -57.46
CA ASN A 184 5.45 -20.86 -56.98
C ASN A 184 6.61 -21.73 -56.43
N GLY A 185 7.80 -21.15 -56.28
CA GLY A 185 8.97 -21.91 -55.87
C GLY A 185 8.96 -22.38 -54.41
N GLU A 186 9.94 -23.18 -54.03
CA GLU A 186 10.11 -23.59 -52.64
C GLU A 186 10.37 -22.38 -51.75
N ILE A 187 9.87 -22.43 -50.53
CA ILE A 187 10.15 -21.36 -49.59
C ILE A 187 11.09 -21.89 -48.53
N ILE A 188 12.26 -21.26 -48.44
CA ILE A 188 13.26 -21.66 -47.46
C ILE A 188 13.42 -20.63 -46.34
N PHE A 189 12.99 -20.99 -45.14
CA PHE A 189 13.23 -20.20 -43.94
C PHE A 189 14.57 -20.62 -43.40
N LYS A 190 15.56 -19.74 -43.48
CA LYS A 190 16.90 -20.08 -43.02
C LYS A 190 17.75 -18.84 -43.03
N LEU A 191 18.52 -18.63 -41.98
CA LEU A 191 19.46 -17.52 -41.99
C LEU A 191 20.59 -17.84 -42.97
N ASP A 192 20.81 -16.96 -43.93
CA ASP A 192 21.85 -17.14 -44.95
C ASP A 192 22.63 -15.86 -45.20
N GLY A 193 23.92 -15.85 -44.83
CA GLY A 193 24.79 -14.70 -45.00
C GLY A 193 26.00 -14.78 -44.07
N ASP A 194 26.78 -13.71 -43.97
CA ASP A 194 27.96 -13.72 -43.10
C ASP A 194 27.51 -13.40 -41.67
N ILE A 195 26.84 -14.35 -41.03
CA ILE A 195 26.19 -14.08 -39.76
C ILE A 195 27.08 -14.47 -38.60
N ASP A 196 26.91 -13.79 -37.47
CA ASP A 196 27.57 -14.24 -36.24
C ASP A 196 26.96 -15.56 -35.82
N ARG A 197 27.77 -16.40 -35.17
CA ARG A 197 27.30 -17.68 -34.63
C ARG A 197 26.09 -17.47 -33.70
N THR A 198 26.07 -16.35 -33.02
CA THR A 198 25.05 -16.04 -32.05
C THR A 198 23.75 -15.50 -32.67
N GLN A 199 23.75 -15.19 -33.97
CA GLN A 199 22.59 -14.54 -34.58
C GLN A 199 21.35 -15.45 -34.55
N PHE A 200 20.18 -14.86 -34.32
CA PHE A 200 18.94 -15.60 -34.44
C PHE A 200 17.81 -14.63 -34.72
N ILE A 201 16.67 -15.18 -35.08
CA ILE A 201 15.46 -14.44 -35.41
C ILE A 201 14.28 -15.28 -34.92
N TRP A 202 13.28 -14.64 -34.31
CA TRP A 202 12.02 -15.28 -33.99
C TRP A 202 10.94 -14.81 -34.96
N MET A 203 10.07 -15.71 -35.40
CA MET A 203 8.95 -15.35 -36.28
C MET A 203 7.67 -16.04 -35.85
N LYS A 204 6.56 -15.57 -36.40
CA LYS A 204 5.24 -16.06 -36.01
C LYS A 204 4.21 -15.67 -37.07
N TYR A 205 3.24 -16.56 -37.29
CA TYR A 205 2.09 -16.33 -38.15
C TYR A 205 2.47 -15.95 -39.59
N PHE A 206 3.40 -16.69 -40.18
CA PHE A 206 3.75 -16.41 -41.57
C PHE A 206 2.59 -16.77 -42.52
N SER A 207 2.22 -15.80 -43.35
CA SER A 207 1.09 -15.92 -44.27
C SER A 207 1.36 -15.28 -45.62
N ILE A 208 0.77 -15.84 -46.67
CA ILE A 208 0.88 -15.30 -48.03
C ILE A 208 -0.52 -15.16 -48.62
N PHE A 209 -0.78 -14.05 -49.30
CA PHE A 209 -2.08 -13.75 -49.87
C PHE A 209 -1.95 -13.47 -51.39
N ASN A 210 -2.90 -13.90 -52.21
CA ASN A 210 -2.78 -13.61 -53.66
C ASN A 210 -3.51 -12.32 -54.05
N THR A 211 -3.56 -11.36 -53.14
CA THR A 211 -4.10 -10.05 -53.47
C THR A 211 -3.24 -8.97 -52.83
N GLU A 212 -3.34 -7.74 -53.29
CA GLU A 212 -2.75 -6.61 -52.56
C GLU A 212 -3.66 -6.22 -51.40
N LEU A 213 -3.23 -6.49 -50.18
CA LEU A 213 -4.04 -6.19 -49.01
C LEU A 213 -4.22 -4.70 -48.80
N SER A 214 -5.45 -4.28 -48.52
CA SER A 214 -5.73 -2.89 -48.21
C SER A 214 -5.22 -2.56 -46.82
N GLN A 215 -4.91 -1.29 -46.57
CA GLN A 215 -4.44 -0.85 -45.26
C GLN A 215 -5.47 -1.18 -44.20
N SER A 216 -6.73 -1.01 -44.57
CA SER A 216 -7.85 -1.34 -43.71
C SER A 216 -7.74 -2.80 -43.24
N ASN A 217 -7.56 -3.69 -44.20
CA ASN A 217 -7.44 -5.12 -43.94
C ASN A 217 -6.24 -5.43 -43.04
N ILE A 218 -5.11 -4.81 -43.34
CA ILE A 218 -3.88 -5.07 -42.58
C ILE A 218 -4.03 -4.60 -41.16
N GLU A 219 -4.74 -3.50 -40.98
CA GLU A 219 -4.93 -2.99 -39.64
C GLU A 219 -5.86 -3.90 -38.85
N GLU A 220 -6.87 -4.45 -39.51
CA GLU A 220 -7.74 -5.40 -38.82
C GLU A 220 -6.98 -6.66 -38.40
N ARG A 221 -6.18 -7.19 -39.32
CA ARG A 221 -5.39 -8.37 -39.04
C ARG A 221 -4.40 -8.11 -37.89
N TYR A 222 -3.82 -6.91 -37.87
CA TYR A 222 -2.94 -6.51 -36.78
C TYR A 222 -3.60 -6.66 -35.42
N LYS A 223 -4.83 -6.17 -35.30
CA LYS A 223 -5.58 -6.22 -34.05
C LYS A 223 -5.96 -7.65 -33.69
N ILE A 224 -6.50 -8.40 -34.65
CA ILE A 224 -6.90 -9.79 -34.40
C ILE A 224 -5.71 -10.64 -33.93
N GLN A 225 -4.56 -10.51 -34.57
CA GLN A 225 -3.41 -11.33 -34.20
C GLN A 225 -2.71 -10.80 -32.95
N SER A 226 -3.07 -9.60 -32.54
CA SER A 226 -2.56 -9.06 -31.29
C SER A 226 -3.40 -9.55 -30.10
N TYR A 227 -4.64 -9.96 -30.35
CA TYR A 227 -5.57 -10.22 -29.25
C TYR A 227 -5.11 -11.40 -28.41
N SER A 228 -5.15 -11.22 -27.09
CA SER A 228 -4.91 -12.30 -26.14
C SER A 228 -5.67 -12.06 -24.82
N GLU A 229 -6.02 -13.13 -24.15
CA GLU A 229 -6.68 -12.99 -22.85
C GLU A 229 -5.63 -12.66 -21.79
N TYR A 230 -4.38 -13.00 -22.08
CA TYR A 230 -3.28 -12.68 -21.17
C TYR A 230 -2.65 -11.35 -21.47
N LEU A 231 -1.96 -10.82 -20.48
CA LEU A 231 -1.17 -9.62 -20.66
C LEU A 231 0.18 -10.03 -21.25
N LYS A 232 0.95 -9.04 -21.72
CA LYS A 232 2.23 -9.31 -22.34
C LYS A 232 3.34 -8.63 -21.55
N ASP A 233 4.58 -9.10 -21.69
CA ASP A 233 5.68 -8.35 -21.12
C ASP A 233 6.19 -7.32 -22.17
N PHE A 234 7.25 -6.61 -21.83
CA PHE A 234 7.83 -5.54 -22.64
C PHE A 234 8.20 -6.00 -24.09
N TRP A 235 8.66 -7.26 -24.19
CA TRP A 235 9.08 -7.83 -25.47
C TRP A 235 7.89 -8.38 -26.26
N GLY A 236 6.72 -8.41 -25.63
CA GLY A 236 5.54 -8.91 -26.32
C GLY A 236 5.20 -10.39 -26.12
N ASN A 237 5.93 -11.09 -25.26
CA ASN A 237 5.61 -12.48 -24.86
C ASN A 237 4.57 -12.48 -23.75
N PRO A 238 3.91 -13.64 -23.48
CA PRO A 238 2.92 -13.65 -22.39
C PRO A 238 3.52 -13.29 -21.05
N LEU A 239 2.81 -12.46 -20.30
CA LEU A 239 3.23 -12.08 -18.95
C LEU A 239 3.08 -13.29 -18.00
N MET A 240 4.08 -13.57 -17.18
CA MET A 240 4.09 -14.77 -16.35
C MET A 240 4.14 -14.46 -14.83
N TYR A 241 3.56 -15.35 -14.03
CA TYR A 241 3.76 -15.34 -12.57
C TYR A 241 5.14 -15.90 -12.27
N ASN A 242 5.70 -15.55 -11.12
CA ASN A 242 6.93 -16.13 -10.64
C ASN A 242 8.13 -15.93 -11.55
N LYS A 243 8.08 -14.84 -12.30
CA LYS A 243 9.17 -14.51 -13.22
C LYS A 243 9.74 -13.14 -12.85
N GLU A 244 11.06 -13.05 -12.75
CA GLU A 244 11.71 -11.79 -12.38
C GLU A 244 11.57 -10.78 -13.52
N TYR A 245 11.11 -9.57 -13.16
CA TYR A 245 10.85 -8.49 -14.11
C TYR A 245 11.40 -7.14 -13.63
N TYR A 246 12.03 -6.39 -14.51
CA TYR A 246 12.25 -4.95 -14.25
C TYR A 246 10.99 -4.21 -14.67
N MET A 247 10.73 -3.03 -14.10
CA MET A 247 9.49 -2.29 -14.43
C MET A 247 9.72 -1.02 -15.23
N PHE A 248 8.93 -0.90 -16.29
CA PHE A 248 9.01 0.19 -17.28
C PHE A 248 7.72 0.96 -17.21
N ASN A 249 7.80 2.28 -17.39
CA ASN A 249 6.60 3.10 -17.38
C ASN A 249 6.44 3.81 -18.73
N ALA A 250 5.35 3.51 -19.44
CA ALA A 250 5.13 4.05 -20.78
C ALA A 250 4.90 5.57 -20.77
N GLY A 251 4.51 6.11 -19.61
CA GLY A 251 4.31 7.55 -19.48
C GLY A 251 5.60 8.25 -19.06
N ASN A 252 6.57 7.48 -18.61
CA ASN A 252 7.83 7.97 -18.07
C ASN A 252 9.00 7.09 -18.51
N LYS A 253 9.29 7.07 -19.80
CA LYS A 253 10.13 6.04 -20.40
C LYS A 253 11.51 5.92 -19.76
N ASN A 254 12.07 7.03 -19.35
CA ASN A 254 13.43 7.08 -18.83
C ASN A 254 13.44 7.01 -17.30
N SER A 255 12.31 6.68 -16.70
CA SER A 255 12.22 6.62 -15.25
C SER A 255 12.18 5.17 -14.75
N TYR A 256 12.89 4.86 -13.66
CA TYR A 256 12.82 3.52 -13.05
C TYR A 256 12.67 3.64 -11.53
N ILE A 257 12.22 2.56 -10.88
CA ILE A 257 11.89 2.61 -9.45
C ILE A 257 13.02 2.05 -8.58
N LYS A 258 13.36 2.75 -7.50
CA LYS A 258 14.34 2.20 -6.57
C LYS A 258 13.88 2.41 -5.16
N LEU A 259 14.00 1.38 -4.33
CA LEU A 259 13.65 1.51 -2.92
C LEU A 259 14.53 2.57 -2.28
N LYS A 260 13.88 3.57 -1.68
CA LYS A 260 14.61 4.68 -1.06
C LYS A 260 15.42 4.17 0.12
N LYS A 261 16.62 4.72 0.30
CA LYS A 261 17.56 4.22 1.29
C LYS A 261 17.13 4.42 2.74
N ASP A 262 16.31 5.43 3.01
CA ASP A 262 15.91 5.71 4.38
C ASP A 262 14.40 5.90 4.53
N SER A 263 13.63 5.29 3.63
CA SER A 263 12.18 5.43 3.69
C SER A 263 11.53 4.23 2.96
N PRO A 264 10.38 3.74 3.45
CA PRO A 264 9.83 2.52 2.84
C PRO A 264 9.00 2.85 1.62
N VAL A 265 9.55 3.67 0.72
CA VAL A 265 8.87 4.11 -0.47
C VAL A 265 9.77 3.90 -1.68
N GLY A 266 9.17 3.85 -2.86
CA GLY A 266 9.92 3.76 -4.09
C GLY A 266 10.16 5.12 -4.73
N GLU A 267 11.41 5.57 -4.74
CA GLU A 267 11.75 6.79 -5.46
C GLU A 267 11.98 6.48 -6.93
N ILE A 268 11.79 7.50 -7.76
CA ILE A 268 11.94 7.34 -9.19
C ILE A 268 13.25 7.99 -9.66
N LEU A 269 14.07 7.21 -10.38
CA LEU A 269 15.36 7.72 -10.86
C LEU A 269 15.43 7.68 -12.38
N THR A 270 16.44 8.33 -12.96
CA THR A 270 16.58 8.38 -14.41
C THR A 270 17.47 7.28 -14.91
N ARG A 271 17.03 6.56 -15.93
CA ARG A 271 17.81 5.45 -16.50
C ARG A 271 19.18 5.89 -16.97
N SER A 272 20.19 5.11 -16.61
CA SER A 272 21.51 5.32 -17.19
C SER A 272 21.43 4.98 -18.68
N LYS A 273 22.44 5.41 -19.44
CA LYS A 273 22.43 5.19 -20.88
C LYS A 273 23.71 4.54 -21.41
N TYR A 274 23.67 4.16 -22.68
CA TYR A 274 24.82 3.58 -23.36
C TYR A 274 26.04 4.47 -23.14
N ASN A 275 27.11 3.84 -22.67
CA ASN A 275 28.23 4.57 -22.10
C ASN A 275 29.56 4.46 -22.87
N GLN A 276 29.58 3.65 -23.93
CA GLN A 276 30.85 3.26 -24.55
C GLN A 276 31.28 3.93 -25.87
N ASN A 277 30.69 5.10 -26.15
CA ASN A 277 31.09 5.91 -27.30
C ASN A 277 31.26 5.25 -28.67
N SER A 278 30.23 4.54 -29.11
CA SER A 278 30.11 4.22 -30.53
C SER A 278 29.12 5.24 -31.09
N LYS A 279 29.38 5.74 -32.30
CA LYS A 279 28.57 6.85 -32.81
C LYS A 279 27.30 6.37 -33.51
N TYR A 280 27.17 5.07 -33.70
CA TYR A 280 26.02 4.53 -34.40
C TYR A 280 24.84 4.25 -33.46
N ILE A 281 25.11 4.14 -32.17
CA ILE A 281 24.07 3.69 -31.26
C ILE A 281 23.83 4.55 -30.01
N ASN A 282 22.57 4.55 -29.58
CA ASN A 282 22.18 5.05 -28.27
C ASN A 282 20.95 4.27 -27.76
N TYR A 283 20.90 4.03 -26.47
CA TYR A 283 19.72 3.45 -25.81
C TYR A 283 19.82 3.77 -24.33
N ARG A 284 18.69 3.70 -23.63
CA ARG A 284 18.69 3.72 -22.17
C ARG A 284 18.72 2.28 -21.65
N ASP A 285 19.39 2.05 -20.52
CA ASP A 285 19.48 0.73 -19.91
C ASP A 285 18.11 0.24 -19.41
N LEU A 286 17.84 -1.04 -19.59
CA LEU A 286 16.55 -1.64 -19.25
C LEU A 286 16.61 -2.48 -17.98
N TYR A 287 17.78 -3.07 -17.73
CA TYR A 287 17.94 -4.01 -16.63
C TYR A 287 18.31 -3.29 -15.33
N ILE A 288 17.51 -2.31 -14.91
CA ILE A 288 17.85 -1.51 -13.74
C ILE A 288 16.63 -1.26 -12.86
N GLY A 289 16.86 -0.79 -11.63
CA GLY A 289 15.78 -0.60 -10.68
C GLY A 289 15.49 -1.92 -9.99
N GLU A 290 14.50 -1.96 -9.12
CA GLU A 290 14.20 -3.20 -8.39
C GLU A 290 13.76 -4.36 -9.32
N LYS A 291 14.16 -5.59 -8.97
CA LYS A 291 13.64 -6.76 -9.67
C LYS A 291 12.30 -7.14 -9.04
N PHE A 292 11.24 -6.95 -9.80
CA PHE A 292 9.90 -7.31 -9.34
C PHE A 292 9.56 -8.75 -9.70
N ILE A 293 8.55 -9.28 -9.02
CA ILE A 293 8.04 -10.59 -9.35
C ILE A 293 6.55 -10.59 -9.03
N ILE A 294 5.74 -11.17 -9.91
CA ILE A 294 4.30 -11.17 -9.72
C ILE A 294 3.88 -12.51 -9.09
N ARG A 295 3.12 -12.46 -7.99
CA ARG A 295 2.63 -13.69 -7.36
C ARG A 295 1.12 -13.77 -7.52
N ARG A 296 0.62 -15.00 -7.76
CA ARG A 296 -0.80 -15.29 -7.78
C ARG A 296 -1.40 -15.09 -6.41
N LYS A 297 -2.55 -14.43 -6.34
CA LYS A 297 -3.33 -14.43 -5.12
C LYS A 297 -4.35 -15.55 -5.28
N SER A 298 -4.20 -16.61 -4.49
CA SER A 298 -5.12 -17.75 -4.57
C SER A 298 -5.16 -18.54 -3.26
N ASN A 304 -3.97 -23.76 -14.15
CA ASN A 304 -2.98 -24.83 -14.14
C ASN A 304 -1.68 -24.38 -14.80
N ASP A 305 -1.57 -23.09 -15.09
CA ASP A 305 -0.39 -22.53 -15.73
C ASP A 305 0.03 -21.23 -15.03
N ASP A 306 1.16 -20.69 -15.45
CA ASP A 306 1.72 -19.51 -14.83
C ASP A 306 1.53 -18.24 -15.63
N ILE A 307 0.53 -18.21 -16.52
CA ILE A 307 0.29 -17.05 -17.37
C ILE A 307 -0.61 -16.02 -16.69
N VAL A 308 -0.23 -14.75 -16.74
CA VAL A 308 -1.03 -13.71 -16.12
C VAL A 308 -2.14 -13.24 -17.03
N ARG A 309 -3.39 -13.30 -16.57
CA ARG A 309 -4.51 -12.88 -17.39
C ARG A 309 -5.15 -11.61 -16.88
N LYS A 310 -5.81 -10.87 -17.77
CA LYS A 310 -6.56 -9.69 -17.40
C LYS A 310 -7.58 -9.97 -16.28
N GLU A 311 -7.65 -9.05 -15.32
CA GLU A 311 -8.59 -9.10 -14.18
C GLU A 311 -8.10 -10.08 -13.08
N ASP A 312 -6.99 -10.77 -13.30
CA ASP A 312 -6.37 -11.54 -12.23
C ASP A 312 -6.05 -10.67 -11.00
N TYR A 313 -6.17 -11.27 -9.82
CA TYR A 313 -5.75 -10.61 -8.59
C TYR A 313 -4.35 -11.08 -8.25
N ILE A 314 -3.48 -10.15 -7.91
CA ILE A 314 -2.05 -10.44 -7.76
C ILE A 314 -1.39 -9.78 -6.55
N TYR A 315 -0.21 -10.26 -6.20
CA TYR A 315 0.70 -9.53 -5.34
C TYR A 315 1.87 -9.03 -6.20
N LEU A 316 2.21 -7.75 -6.08
CA LEU A 316 3.39 -7.22 -6.74
C LEU A 316 4.55 -7.23 -5.76
N ASP A 317 5.48 -8.13 -5.95
CA ASP A 317 6.59 -8.24 -5.02
C ASP A 317 7.89 -7.79 -5.69
N PHE A 318 8.94 -7.66 -4.90
CA PHE A 318 10.27 -7.37 -5.46
C PHE A 318 11.31 -7.84 -4.49
N PHE A 319 12.54 -7.99 -4.98
CA PHE A 319 13.58 -8.53 -4.12
C PHE A 319 14.45 -7.44 -3.50
N ASN A 320 14.51 -7.44 -2.18
CA ASN A 320 15.32 -6.51 -1.44
C ASN A 320 16.42 -7.29 -0.77
N LEU A 321 17.57 -7.26 -1.43
CA LEU A 321 18.71 -8.11 -1.13
C LEU A 321 18.26 -9.55 -1.22
N ASN A 322 18.37 -10.34 -0.15
CA ASN A 322 17.95 -11.72 -0.29
C ASN A 322 16.61 -11.95 0.41
N GLN A 323 15.75 -10.94 0.42
CA GLN A 323 14.39 -11.17 0.90
C GLN A 323 13.38 -10.70 -0.13
N GLU A 324 12.24 -11.39 -0.22
CA GLU A 324 11.17 -10.96 -1.12
C GLU A 324 10.23 -10.02 -0.36
N TRP A 325 10.16 -8.77 -0.80
CA TRP A 325 9.28 -7.76 -0.20
C TRP A 325 8.03 -7.52 -1.07
N ARG A 326 7.16 -6.63 -0.63
CA ARG A 326 5.85 -6.49 -1.25
C ARG A 326 5.44 -5.04 -1.39
N VAL A 327 4.58 -4.72 -2.35
CA VAL A 327 4.06 -3.36 -2.54
C VAL A 327 2.64 -3.25 -1.99
N TYR A 328 2.44 -2.31 -1.06
CA TYR A 328 1.16 -2.09 -0.39
C TYR A 328 0.62 -0.67 -0.56
N THR A 329 -0.65 -0.47 -0.27
CA THR A 329 -1.12 0.90 -0.09
C THR A 329 -1.70 1.07 1.33
N TYR A 330 -1.32 2.17 1.97
CA TYR A 330 -1.87 2.53 3.27
C TYR A 330 -3.35 2.76 3.10
N LYS A 331 -4.17 2.19 3.98
CA LYS A 331 -5.62 2.23 3.75
C LYS A 331 -6.25 3.62 3.85
N TYR A 332 -5.66 4.49 4.62
CA TYR A 332 -6.29 5.77 4.75
C TYR A 332 -5.43 6.83 4.10
N PHE A 333 -5.77 7.19 2.86
CA PHE A 333 -5.12 8.32 2.24
C PHE A 333 -6.19 9.25 1.72
N LYS A 334 -6.03 10.51 2.07
CA LYS A 334 -7.03 11.52 1.83
C LYS A 334 -6.70 12.28 0.58
N LYS A 335 -5.40 12.35 0.27
CA LYS A 335 -4.97 13.12 -0.89
C LYS A 335 -5.24 12.38 -2.18
N GLU A 336 -5.11 13.10 -3.29
CA GLU A 336 -5.43 12.58 -4.61
C GLU A 336 -4.46 11.48 -4.99
N GLU A 337 -3.27 11.51 -4.42
CA GLU A 337 -2.34 10.45 -4.64
C GLU A 337 -1.44 10.32 -3.42
N GLU A 338 -0.85 9.14 -3.26
CA GLU A 338 -0.02 8.83 -2.11
C GLU A 338 1.10 7.87 -2.50
N LYS A 339 2.24 7.99 -1.85
CA LYS A 339 3.35 7.08 -2.03
C LYS A 339 3.00 5.65 -1.58
N LEU A 340 3.40 4.67 -2.39
CA LEU A 340 3.19 3.27 -2.04
C LEU A 340 4.16 2.89 -0.92
N PHE A 341 3.78 1.88 -0.15
CA PHE A 341 4.54 1.38 1.00
C PHE A 341 5.24 0.08 0.61
N LEU A 342 6.56 0.06 0.68
CA LEU A 342 7.36 -1.09 0.28
C LEU A 342 7.97 -1.71 1.50
N ALA A 343 7.62 -2.97 1.77
CA ALA A 343 7.99 -3.59 3.04
C ALA A 343 8.02 -5.12 2.93
N PRO A 344 8.48 -5.82 3.99
CA PRO A 344 8.43 -7.28 3.95
C PRO A 344 6.99 -7.80 3.79
N ILE A 345 6.87 -9.08 3.40
CA ILE A 345 5.56 -9.70 3.28
C ILE A 345 4.87 -9.78 4.63
N SER A 346 3.62 -9.37 4.68
CA SER A 346 2.98 -9.13 5.95
C SER A 346 1.47 -8.97 5.81
N ASP A 347 0.75 -9.38 6.84
CA ASP A 347 -0.66 -9.07 6.96
C ASP A 347 -0.86 -7.92 7.91
N SER A 348 -1.72 -7.00 7.54
CA SER A 348 -2.08 -5.94 8.43
C SER A 348 -3.39 -5.37 7.94
N ASP A 349 -4.31 -5.08 8.84
CA ASP A 349 -5.57 -4.49 8.43
C ASP A 349 -5.42 -3.00 8.14
N GLU A 350 -4.22 -2.47 8.24
CA GLU A 350 -4.01 -1.05 7.96
C GLU A 350 -3.47 -0.82 6.54
N PHE A 351 -3.26 -1.91 5.78
CA PHE A 351 -2.70 -1.82 4.44
C PHE A 351 -3.43 -2.74 3.48
N TYR A 352 -3.69 -2.27 2.26
CA TYR A 352 -4.12 -3.16 1.18
C TYR A 352 -2.92 -3.81 0.50
N ASN A 353 -3.07 -5.05 0.03
CA ASN A 353 -1.99 -5.68 -0.70
C ASN A 353 -2.48 -6.28 -1.99
N THR A 354 -3.77 -6.23 -2.23
CA THR A 354 -4.32 -6.84 -3.43
C THR A 354 -4.44 -5.93 -4.64
N ILE A 355 -3.82 -6.36 -5.73
CA ILE A 355 -3.81 -5.65 -6.98
C ILE A 355 -4.58 -6.46 -8.02
N GLN A 356 -5.42 -5.77 -8.80
CA GLN A 356 -6.04 -6.38 -9.97
C GLN A 356 -5.32 -5.84 -11.18
N ILE A 357 -4.73 -6.73 -11.96
CA ILE A 357 -4.02 -6.32 -13.15
C ILE A 357 -5.04 -6.06 -14.25
N LYS A 358 -4.87 -4.94 -14.98
CA LYS A 358 -5.85 -4.46 -15.93
C LYS A 358 -5.30 -4.22 -17.36
N GLU A 359 -6.21 -4.12 -18.30
CA GLU A 359 -5.87 -3.70 -19.65
C GLU A 359 -6.95 -2.78 -20.22
N TYR A 360 -6.82 -1.48 -19.96
CA TYR A 360 -7.85 -0.53 -20.36
C TYR A 360 -7.76 -0.15 -21.84
N ASP A 361 -6.59 -0.28 -22.44
CA ASP A 361 -6.38 0.09 -23.84
C ASP A 361 -7.12 -0.89 -24.75
N GLU A 362 -7.88 -0.39 -25.71
CA GLU A 362 -8.61 -1.25 -26.64
C GLU A 362 -7.77 -1.55 -27.88
N GLN A 363 -6.68 -0.82 -28.05
CA GLN A 363 -5.79 -1.07 -29.19
C GLN A 363 -4.65 -1.93 -28.67
N PRO A 364 -3.94 -2.64 -29.57
CA PRO A 364 -2.82 -3.49 -29.16
C PRO A 364 -1.77 -2.72 -28.37
N THR A 365 -1.29 -3.30 -27.27
CA THR A 365 -0.29 -2.60 -26.49
C THR A 365 0.43 -3.63 -25.66
N TYR A 366 1.61 -3.31 -25.17
CA TYR A 366 2.26 -4.18 -24.20
C TYR A 366 2.15 -3.60 -22.77
N SER A 367 1.48 -2.46 -22.64
CA SER A 367 1.25 -1.84 -21.34
C SER A 367 0.11 -2.49 -20.60
N CYS A 368 0.20 -2.52 -19.28
CA CYS A 368 -0.92 -2.95 -18.47
C CYS A 368 -1.08 -1.95 -17.33
N GLN A 369 -2.16 -2.09 -16.56
CA GLN A 369 -2.37 -1.18 -15.45
C GLN A 369 -2.62 -2.01 -14.19
N LEU A 370 -2.39 -1.39 -13.05
CA LEU A 370 -2.42 -2.05 -11.76
C LEU A 370 -3.39 -1.36 -10.79
N LEU A 371 -4.50 -2.02 -10.49
CA LEU A 371 -5.57 -1.42 -9.68
C LEU A 371 -5.62 -1.98 -8.27
N PHE A 372 -5.55 -1.10 -7.28
CA PHE A 372 -5.75 -1.48 -5.90
C PHE A 372 -7.25 -1.46 -5.60
N LYS A 373 -7.74 -2.52 -4.99
CA LYS A 373 -9.11 -2.57 -4.48
C LYS A 373 -9.13 -3.06 -3.04
N LYS A 374 -10.24 -2.82 -2.34
CA LYS A 374 -10.37 -3.20 -0.93
C LYS A 374 -10.17 -4.70 -0.77
N ASP A 375 -11.08 -5.40 -1.43
CA ASP A 375 -11.22 -6.85 -1.49
C ASP A 375 -11.54 -7.24 -2.91
N GLU A 376 -11.30 -8.49 -3.25
CA GLU A 376 -11.55 -8.96 -4.59
C GLU A 376 -13.02 -8.73 -4.81
N GLU A 377 -13.80 -8.93 -3.75
CA GLU A 377 -15.25 -8.78 -3.79
C GLU A 377 -15.82 -7.37 -4.07
N SER A 378 -15.23 -6.34 -3.48
CA SER A 378 -15.85 -5.03 -3.51
C SER A 378 -15.85 -4.41 -4.87
N THR A 379 -16.79 -3.53 -5.10
CA THR A 379 -16.86 -2.78 -6.34
C THR A 379 -16.06 -1.47 -6.24
N ASP A 380 -15.70 -1.10 -5.01
CA ASP A 380 -14.98 0.15 -4.78
C ASP A 380 -13.53 0.15 -5.24
N GLU A 381 -13.14 1.18 -5.99
CA GLU A 381 -11.79 1.29 -6.53
C GLU A 381 -10.96 2.31 -5.78
N ILE A 382 -9.82 1.88 -5.27
CA ILE A 382 -8.98 2.73 -4.42
C ILE A 382 -8.15 3.68 -5.27
N GLY A 383 -7.48 3.12 -6.27
CA GLY A 383 -6.64 3.90 -7.15
C GLY A 383 -5.74 3.04 -8.02
N LEU A 384 -5.02 3.71 -8.92
CA LEU A 384 -4.10 3.02 -9.82
C LEU A 384 -2.65 3.34 -9.47
N ILE A 385 -1.80 2.34 -9.63
CA ILE A 385 -0.36 2.52 -9.44
C ILE A 385 0.20 3.36 -10.59
N GLY A 386 0.94 4.40 -10.25
CA GLY A 386 1.49 5.30 -11.24
C GLY A 386 2.56 6.13 -10.59
N ILE A 387 3.16 7.01 -11.37
CA ILE A 387 4.20 7.92 -10.89
C ILE A 387 3.61 9.30 -10.61
N HIS A 388 3.92 9.88 -9.46
CA HIS A 388 3.48 11.25 -9.21
C HIS A 388 4.63 12.16 -8.85
N ARG A 389 4.45 13.47 -9.01
CA ARG A 389 5.52 14.43 -8.74
C ARG A 389 5.30 15.25 -7.49
N PHE A 390 6.40 15.48 -6.79
CA PHE A 390 6.39 16.14 -5.51
C PHE A 390 7.43 17.26 -5.56
N TYR A 391 6.97 18.47 -5.30
CA TYR A 391 7.89 19.60 -5.25
C TYR A 391 8.33 19.85 -3.81
N GLU A 392 9.56 19.47 -3.50
CA GLU A 392 9.99 19.36 -2.11
C GLU A 392 10.64 20.65 -1.63
N SER A 393 11.05 21.48 -2.58
CA SER A 393 11.37 22.85 -2.27
C SER A 393 10.15 23.67 -2.64
N GLY A 394 10.34 24.70 -3.45
CA GLY A 394 9.19 25.42 -3.96
C GLY A 394 8.59 24.73 -5.17
N ILE A 395 7.47 25.25 -5.67
CA ILE A 395 6.96 24.75 -6.92
C ILE A 395 7.84 25.31 -8.02
N VAL A 396 8.90 24.57 -8.32
CA VAL A 396 9.82 24.85 -9.40
C VAL A 396 9.68 23.67 -10.35
N PHE A 397 9.21 23.89 -11.58
CA PHE A 397 8.85 22.78 -12.47
C PHE A 397 10.04 21.87 -12.85
N GLU A 398 11.25 22.38 -12.70
CA GLU A 398 12.44 21.62 -13.05
C GLU A 398 13.16 21.04 -11.83
N GLU A 399 12.64 21.30 -10.63
CA GLU A 399 13.23 20.74 -9.41
C GLU A 399 12.20 19.99 -8.59
N TYR A 400 12.25 18.67 -8.69
CA TYR A 400 11.17 17.86 -8.15
C TYR A 400 11.67 16.48 -7.72
N LYS A 401 10.80 15.72 -7.08
CA LYS A 401 11.06 14.31 -6.78
C LYS A 401 9.86 13.50 -7.21
N ASP A 402 10.07 12.53 -8.10
CA ASP A 402 8.99 11.65 -8.51
C ASP A 402 8.94 10.40 -7.62
N TYR A 403 7.75 9.86 -7.42
CA TYR A 403 7.61 8.68 -6.57
C TYR A 403 6.64 7.64 -7.14
N PHE A 404 6.93 6.39 -6.82
CA PHE A 404 6.04 5.24 -7.03
C PHE A 404 4.78 5.42 -6.16
N CYS A 405 3.65 5.74 -6.78
CA CYS A 405 2.44 6.13 -6.05
C CYS A 405 1.19 5.33 -6.42
N ILE A 406 0.18 5.43 -5.55
CA ILE A 406 -1.19 5.05 -5.90
C ILE A 406 -1.90 6.35 -6.19
N SER A 407 -2.85 6.34 -7.11
CA SER A 407 -3.46 7.59 -7.53
C SER A 407 -4.92 7.45 -7.90
N LYS A 408 -5.72 8.37 -7.38
CA LYS A 408 -7.14 8.43 -7.71
C LYS A 408 -7.37 9.12 -9.04
N TRP A 409 -6.45 10.00 -9.42
CA TRP A 409 -6.58 10.78 -10.65
C TRP A 409 -6.57 9.89 -11.89
N TYR A 410 -5.69 8.89 -11.91
CA TYR A 410 -5.62 7.98 -13.04
C TYR A 410 -6.91 7.19 -13.26
N LEU A 411 -7.70 7.03 -12.20
CA LEU A 411 -8.96 6.30 -12.28
C LEU A 411 -9.90 6.91 -13.33
N LYS A 412 -10.03 8.24 -13.35
CA LYS A 412 -10.86 8.86 -14.38
C LYS A 412 -10.11 8.92 -15.71
N GLU A 413 -8.79 9.12 -15.65
CA GLU A 413 -8.04 9.34 -16.89
C GLU A 413 -8.06 8.12 -17.81
N VAL A 414 -8.12 6.91 -17.25
CA VAL A 414 -8.12 5.70 -18.07
C VAL A 414 -9.46 5.49 -18.77
N LYS A 415 -10.50 6.17 -18.30
CA LYS A 415 -11.81 6.10 -18.91
C LYS A 415 -11.84 6.69 -20.33
N ARG A 416 -11.06 7.75 -20.57
CA ARG A 416 -11.09 8.48 -21.84
C ARG A 416 -10.72 7.65 -23.06
N LYS A 417 -11.45 7.89 -24.16
CA LYS A 417 -11.22 7.22 -25.43
C LYS A 417 -10.96 8.24 -26.54
N PRO A 418 -9.99 7.96 -27.40
CA PRO A 418 -9.13 6.77 -27.31
C PRO A 418 -8.25 6.74 -26.06
N TYR A 419 -7.76 5.56 -25.70
CA TYR A 419 -6.98 5.40 -24.47
C TYR A 419 -5.71 6.23 -24.50
N ASN A 420 -5.43 6.87 -23.38
CA ASN A 420 -4.22 7.67 -23.26
C ASN A 420 -3.00 6.78 -23.03
N LEU A 421 -2.29 6.44 -24.11
CA LEU A 421 -1.16 5.53 -24.09
C LEU A 421 -0.05 6.01 -23.19
N LYS A 422 -0.02 7.32 -22.96
CA LYS A 422 1.10 7.98 -22.30
C LYS A 422 0.85 8.31 -20.83
N LEU A 423 -0.27 7.87 -20.28
CA LEU A 423 -0.50 8.01 -18.85
C LEU A 423 0.62 7.34 -18.07
N GLY A 424 1.01 7.97 -16.95
CA GLY A 424 2.02 7.44 -16.04
C GLY A 424 1.56 6.23 -15.21
N CYS A 425 0.35 5.73 -15.48
CA CYS A 425 -0.13 4.50 -14.84
C CYS A 425 -0.01 3.29 -15.78
N ASN A 426 0.61 3.52 -16.93
CA ASN A 426 0.85 2.46 -17.90
C ASN A 426 2.19 1.79 -17.66
N TRP A 427 2.15 0.51 -17.31
CA TRP A 427 3.36 -0.21 -16.93
C TRP A 427 3.65 -1.37 -17.90
N GLN A 428 4.94 -1.71 -18.03
CA GLN A 428 5.34 -2.86 -18.82
C GLN A 428 6.41 -3.57 -18.03
N PHE A 429 6.49 -4.88 -18.17
CA PHE A 429 7.46 -5.67 -17.41
C PHE A 429 8.55 -6.24 -18.28
N ILE A 430 9.80 -6.06 -17.86
CA ILE A 430 10.96 -6.46 -18.65
C ILE A 430 11.77 -7.56 -18.02
N PRO A 431 11.66 -8.79 -18.55
CA PRO A 431 12.55 -9.86 -18.10
C PRO A 431 13.87 -9.82 -18.83
N LYS A 432 14.92 -10.40 -18.26
CA LYS A 432 16.16 -10.61 -19.01
C LYS A 432 15.85 -11.44 -20.24
N ASP A 433 16.40 -11.05 -21.39
CA ASP A 433 16.13 -11.76 -22.63
C ASP A 433 17.45 -11.82 -23.41
N GLU A 434 17.70 -12.95 -24.05
CA GLU A 434 18.98 -13.15 -24.72
C GLU A 434 19.15 -12.20 -25.92
N GLY A 435 18.05 -11.62 -26.37
CA GLY A 435 18.05 -10.65 -27.45
C GLY A 435 18.29 -9.23 -26.97
N TRP A 436 18.57 -9.05 -25.68
CA TRP A 436 18.93 -7.70 -25.21
C TRP A 436 20.09 -7.76 -24.22
N THR A 437 21.25 -7.27 -24.65
CA THR A 437 22.41 -7.21 -23.77
C THR A 437 22.84 -5.76 -23.66
N GLU A 438 23.37 -5.40 -22.49
CA GLU A 438 23.73 -4.02 -22.21
C GLU A 438 24.85 -3.95 -21.16
N ASN B 9 -30.85 -11.65 9.59
CA ASN B 9 -29.42 -11.63 9.84
C ASN B 9 -28.84 -13.01 10.17
N ASN B 10 -29.48 -14.06 9.67
CA ASN B 10 -28.94 -15.43 9.71
C ASN B 10 -28.76 -16.09 11.07
N ILE B 11 -29.42 -15.58 12.10
CA ILE B 11 -29.22 -16.10 13.45
C ILE B 11 -30.09 -17.35 13.69
N ILE B 12 -29.45 -18.43 14.13
CA ILE B 12 -30.12 -19.72 14.32
C ILE B 12 -30.04 -20.18 15.76
N LEU B 13 -29.23 -19.50 16.56
CA LEU B 13 -29.24 -19.69 18.01
C LEU B 13 -28.86 -18.37 18.66
N ASN B 14 -29.65 -17.96 19.64
CA ASN B 14 -29.44 -16.66 20.27
C ASN B 14 -29.71 -16.73 21.78
N LEU B 15 -28.74 -17.22 22.52
CA LEU B 15 -28.88 -17.44 23.96
C LEU B 15 -28.87 -16.13 24.76
N ARG B 16 -30.02 -15.81 25.36
CA ARG B 16 -30.16 -14.58 26.14
C ARG B 16 -30.85 -14.81 27.49
N TYR B 17 -30.60 -13.90 28.41
CA TYR B 17 -31.12 -13.98 29.76
C TYR B 17 -32.59 -13.62 29.86
N LYS B 18 -33.35 -14.44 30.59
CA LYS B 18 -34.73 -14.10 30.93
C LYS B 18 -35.12 -14.77 32.24
N ASP B 19 -35.51 -13.97 33.23
CA ASP B 19 -35.97 -14.49 34.52
C ASP B 19 -35.01 -15.50 35.11
N ASN B 20 -33.77 -15.08 35.34
CA ASN B 20 -32.72 -15.93 35.89
C ASN B 20 -32.65 -17.28 35.15
N ASN B 21 -32.73 -17.19 33.82
CA ASN B 21 -32.65 -18.34 32.94
C ASN B 21 -32.04 -17.92 31.61
N LEU B 22 -31.68 -18.90 30.80
CA LEU B 22 -31.24 -18.62 29.44
C LEU B 22 -32.28 -19.18 28.46
N ILE B 23 -32.51 -18.44 27.39
CA ILE B 23 -33.56 -18.78 26.43
C ILE B 23 -33.04 -18.57 25.03
N ASP B 24 -33.43 -19.43 24.10
CA ASP B 24 -33.10 -19.22 22.68
C ASP B 24 -34.09 -18.26 22.04
N LEU B 25 -33.62 -17.06 21.70
CA LEU B 25 -34.49 -16.08 21.07
C LEU B 25 -34.38 -16.11 19.54
N SER B 26 -33.78 -17.17 19.00
CA SER B 26 -33.55 -17.23 17.56
C SER B 26 -34.83 -17.38 16.74
N GLY B 27 -35.84 -18.01 17.33
CA GLY B 27 -37.06 -18.28 16.62
C GLY B 27 -37.04 -19.70 16.08
N TYR B 28 -35.93 -20.41 16.34
CA TYR B 28 -35.81 -21.79 15.91
C TYR B 28 -36.13 -22.74 17.04
N GLY B 29 -36.35 -22.18 18.23
CA GLY B 29 -36.85 -22.92 19.37
C GLY B 29 -35.99 -24.07 19.90
N ALA B 30 -34.68 -23.82 20.06
CA ALA B 30 -33.81 -24.79 20.71
C ALA B 30 -34.20 -24.93 22.18
N LYS B 31 -34.12 -26.15 22.71
CA LYS B 31 -34.40 -26.33 24.13
C LYS B 31 -33.14 -26.01 24.93
N VAL B 32 -33.30 -25.22 25.99
CA VAL B 32 -32.16 -24.77 26.80
C VAL B 32 -32.33 -25.17 28.27
N GLU B 33 -31.36 -25.95 28.77
CA GLU B 33 -31.41 -26.41 30.16
C GLU B 33 -30.20 -25.92 30.96
N VAL B 34 -30.41 -24.91 31.81
CA VAL B 34 -29.36 -24.36 32.66
C VAL B 34 -29.45 -25.02 34.02
N TYR B 35 -28.43 -25.78 34.40
CA TYR B 35 -28.43 -26.49 35.67
C TYR B 35 -27.97 -25.59 36.80
N ASP B 36 -28.05 -26.08 38.03
CA ASP B 36 -27.96 -25.27 39.24
C ASP B 36 -26.58 -24.69 39.47
N GLY B 37 -25.57 -25.29 38.85
CA GLY B 37 -24.19 -24.87 39.05
C GLY B 37 -23.76 -23.67 38.23
N VAL B 38 -24.64 -23.17 37.38
CA VAL B 38 -24.34 -22.00 36.56
C VAL B 38 -24.92 -20.69 37.12
N GLU B 39 -24.04 -19.74 37.45
CA GLU B 39 -24.48 -18.42 37.88
C GLU B 39 -24.87 -17.56 36.69
N LEU B 40 -26.06 -16.97 36.75
CA LEU B 40 -26.55 -16.08 35.70
C LEU B 40 -26.78 -14.72 36.30
N ASN B 41 -26.65 -13.67 35.50
CA ASN B 41 -27.07 -12.34 35.95
C ASN B 41 -27.76 -11.57 34.81
N ASP B 42 -28.43 -10.47 35.14
CA ASP B 42 -29.23 -9.77 34.15
C ASP B 42 -28.40 -8.92 33.20
N LYS B 43 -27.08 -8.98 33.34
CA LYS B 43 -26.22 -8.36 32.35
C LYS B 43 -25.80 -9.42 31.33
N ASN B 44 -26.53 -10.55 31.34
CA ASN B 44 -26.37 -11.62 30.37
C ASN B 44 -25.07 -12.38 30.47
N GLN B 45 -24.46 -12.31 31.64
CA GLN B 45 -23.22 -13.03 31.89
C GLN B 45 -23.52 -14.36 32.55
N PHE B 46 -22.87 -15.42 32.10
CA PHE B 46 -23.01 -16.69 32.81
C PHE B 46 -21.66 -17.35 33.10
N LYS B 47 -21.61 -18.02 34.25
CA LYS B 47 -20.36 -18.56 34.78
C LYS B 47 -20.33 -20.08 34.76
N LEU B 48 -19.32 -20.63 34.11
CA LEU B 48 -19.05 -22.05 34.18
C LEU B 48 -17.96 -22.26 35.23
N THR B 49 -18.23 -23.13 36.20
CA THR B 49 -17.27 -23.42 37.26
C THR B 49 -16.79 -24.85 37.19
N SER B 50 -16.02 -25.26 38.19
CA SER B 50 -15.47 -26.60 38.21
C SER B 50 -16.47 -27.63 38.70
N SER B 51 -17.58 -27.17 39.27
CA SER B 51 -18.53 -28.09 39.88
C SER B 51 -19.30 -28.90 38.82
N ALA B 52 -19.76 -30.08 39.23
CA ALA B 52 -20.40 -31.04 38.35
C ALA B 52 -21.69 -30.52 37.73
N ASN B 53 -22.46 -29.76 38.51
CA ASN B 53 -23.74 -29.25 38.04
C ASN B 53 -23.64 -27.90 37.32
N SER B 54 -22.43 -27.44 37.06
CA SER B 54 -22.22 -26.18 36.37
C SER B 54 -22.19 -26.44 34.87
N LYS B 55 -23.36 -26.59 34.27
CA LYS B 55 -23.42 -26.91 32.85
C LYS B 55 -24.69 -26.41 32.22
N ILE B 56 -24.64 -26.24 30.90
CA ILE B 56 -25.79 -25.89 30.10
C ILE B 56 -25.95 -26.89 28.97
N ARG B 57 -27.16 -27.41 28.81
CA ARG B 57 -27.44 -28.24 27.65
C ARG B 57 -28.41 -27.55 26.70
N VAL B 58 -27.96 -27.35 25.46
CA VAL B 58 -28.83 -26.85 24.42
C VAL B 58 -29.15 -27.98 23.44
N THR B 59 -30.42 -28.34 23.34
CA THR B 59 -30.82 -29.32 22.33
C THR B 59 -31.39 -28.60 21.13
N GLN B 60 -30.65 -28.55 20.02
CA GLN B 60 -31.19 -27.91 18.82
C GLN B 60 -31.94 -28.91 17.93
N ASN B 61 -32.92 -28.42 17.18
CA ASN B 61 -33.77 -29.29 16.37
C ASN B 61 -33.30 -29.44 14.92
N GLN B 62 -34.17 -30.00 14.10
CA GLN B 62 -33.85 -30.21 12.70
C GLN B 62 -34.15 -28.98 11.82
N ASN B 63 -34.70 -27.92 12.40
CA ASN B 63 -35.05 -26.76 11.60
C ASN B 63 -33.80 -26.00 11.15
N ILE B 64 -32.64 -26.42 11.68
CA ILE B 64 -31.35 -25.81 11.32
C ILE B 64 -30.69 -26.54 10.16
N VAL B 69 -24.12 -30.33 2.88
CA VAL B 69 -22.78 -30.91 2.96
C VAL B 69 -21.73 -29.84 3.21
N PHE B 70 -21.79 -28.76 2.45
CA PHE B 70 -20.84 -27.66 2.59
C PHE B 70 -20.98 -26.99 3.96
N LEU B 71 -19.85 -26.60 4.54
CA LEU B 71 -19.84 -25.93 5.84
C LEU B 71 -19.89 -24.42 5.69
N ASP B 72 -20.86 -23.79 6.35
CA ASP B 72 -21.02 -22.38 6.29
C ASP B 72 -21.72 -21.92 7.57
N PHE B 73 -20.97 -21.49 8.57
CA PHE B 73 -21.59 -21.04 9.82
C PHE B 73 -20.61 -20.34 10.76
N SER B 74 -21.16 -19.56 11.68
CA SER B 74 -20.37 -18.77 12.61
C SER B 74 -20.86 -18.84 14.05
N VAL B 75 -19.92 -18.70 14.99
CA VAL B 75 -20.22 -18.66 16.40
C VAL B 75 -19.62 -17.41 17.02
N SER B 76 -20.38 -16.69 17.83
CA SER B 76 -19.87 -15.52 18.52
C SER B 76 -20.31 -15.48 19.97
N PHE B 77 -19.48 -14.81 20.79
CA PHE B 77 -19.72 -14.69 22.22
C PHE B 77 -18.67 -13.80 22.84
N TRP B 78 -18.98 -13.29 24.02
CA TRP B 78 -18.01 -12.58 24.85
C TRP B 78 -17.47 -13.53 25.89
N ILE B 79 -16.22 -13.35 26.30
CA ILE B 79 -15.63 -14.24 27.28
C ILE B 79 -14.71 -13.48 28.23
N ARG B 80 -14.61 -13.96 29.46
CA ARG B 80 -13.68 -13.39 30.42
C ARG B 80 -12.99 -14.53 31.15
N ILE B 81 -11.68 -14.64 30.93
CA ILE B 81 -10.90 -15.78 31.36
C ILE B 81 -9.96 -15.39 32.48
N PRO B 82 -10.10 -16.05 33.65
CA PRO B 82 -9.32 -15.66 34.83
C PRO B 82 -7.82 -15.83 34.60
N LYS B 83 -7.04 -14.98 35.28
CA LYS B 83 -5.59 -15.09 35.26
C LYS B 83 -5.15 -16.43 35.81
N TYR B 84 -4.02 -16.91 35.32
CA TYR B 84 -3.32 -18.04 35.91
C TYR B 84 -3.09 -17.83 37.42
N LYS B 85 -3.11 -18.93 38.18
CA LYS B 85 -2.62 -18.92 39.55
C LYS B 85 -1.10 -19.01 39.53
N ASN B 86 -0.41 -18.09 40.21
CA ASN B 86 1.06 -18.04 40.17
C ASN B 86 1.72 -19.36 40.64
N ASP B 87 1.13 -20.02 41.63
CA ASP B 87 1.69 -21.29 42.11
C ASP B 87 1.11 -22.50 41.37
N GLY B 88 0.28 -22.24 40.36
CA GLY B 88 -0.29 -23.28 39.54
C GLY B 88 -0.04 -23.10 38.06
N ILE B 89 1.05 -22.43 37.71
CA ILE B 89 1.34 -22.07 36.31
C ILE B 89 1.53 -23.30 35.42
N GLN B 90 2.19 -24.32 35.95
CA GLN B 90 2.50 -25.52 35.19
C GLN B 90 1.22 -26.21 34.71
N ASN B 91 0.27 -26.45 35.61
CA ASN B 91 -1.02 -27.03 35.24
C ASN B 91 -1.83 -26.10 34.31
N TYR B 92 -1.67 -24.80 34.48
CA TYR B 92 -2.31 -23.81 33.60
C TYR B 92 -1.84 -23.93 32.16
N ILE B 93 -0.54 -23.96 31.95
CA ILE B 93 0.02 -23.99 30.60
C ILE B 93 -0.27 -25.31 29.87
N HIS B 94 -0.33 -26.42 30.60
CA HIS B 94 -0.38 -27.71 29.92
C HIS B 94 -1.77 -28.39 29.87
N ASN B 95 -2.62 -28.15 30.87
CA ASN B 95 -3.93 -28.80 30.89
C ASN B 95 -4.99 -28.07 30.08
N GLU B 96 -5.46 -28.71 29.01
CA GLU B 96 -6.53 -28.17 28.18
C GLU B 96 -7.90 -28.65 28.66
N TYR B 97 -8.88 -27.76 28.63
CA TYR B 97 -10.22 -28.13 29.00
C TYR B 97 -11.21 -27.59 27.98
N THR B 98 -12.16 -28.44 27.61
CA THR B 98 -13.26 -28.04 26.74
C THR B 98 -14.19 -27.15 27.56
N ILE B 99 -14.81 -26.17 26.93
CA ILE B 99 -15.80 -25.35 27.60
C ILE B 99 -17.17 -25.41 26.90
N ILE B 100 -17.17 -25.64 25.59
CA ILE B 100 -18.38 -25.85 24.80
C ILE B 100 -18.20 -27.03 23.84
N ASN B 101 -19.08 -28.01 23.90
CA ASN B 101 -18.93 -29.21 23.11
C ASN B 101 -20.18 -29.53 22.28
N CYS B 102 -20.00 -29.69 20.97
CA CYS B 102 -21.10 -30.03 20.07
C CYS B 102 -20.71 -31.19 19.16
N MET B 103 -20.98 -32.39 19.63
CA MET B 103 -20.60 -33.62 18.96
C MET B 103 -21.83 -34.49 18.70
N LYS B 104 -21.79 -35.24 17.61
CA LYS B 104 -22.79 -36.26 17.34
C LYS B 104 -22.11 -37.30 16.47
N ASN B 105 -21.98 -38.52 16.99
CA ASN B 105 -21.34 -39.63 16.30
C ASN B 105 -19.89 -39.32 15.92
N ASN B 106 -19.14 -38.82 16.89
CA ASN B 106 -17.72 -38.51 16.73
C ASN B 106 -17.42 -37.50 15.62
N SER B 107 -18.36 -36.59 15.40
CA SER B 107 -18.19 -35.48 14.47
C SER B 107 -18.84 -34.23 15.04
N GLY B 108 -18.31 -33.06 14.68
CA GLY B 108 -18.87 -31.82 15.20
C GLY B 108 -17.81 -30.76 15.46
N TRP B 109 -18.06 -29.94 16.49
CA TRP B 109 -17.13 -28.88 16.81
C TRP B 109 -17.03 -28.67 18.32
N LYS B 110 -15.94 -28.04 18.75
CA LYS B 110 -15.80 -27.71 20.15
C LYS B 110 -14.90 -26.53 20.40
N ILE B 111 -15.18 -25.83 21.49
CA ILE B 111 -14.37 -24.71 21.92
C ILE B 111 -13.67 -25.12 23.21
N SER B 112 -12.35 -24.93 23.22
CA SER B 112 -11.57 -25.34 24.37
C SER B 112 -10.53 -24.29 24.71
N ILE B 113 -9.99 -24.42 25.91
CA ILE B 113 -8.98 -23.50 26.40
C ILE B 113 -7.79 -24.27 26.92
N ARG B 114 -6.61 -23.79 26.55
CA ARG B 114 -5.36 -24.28 27.12
C ARG B 114 -4.49 -23.10 27.55
N GLY B 115 -4.47 -22.84 28.85
CA GLY B 115 -3.76 -21.69 29.38
C GLY B 115 -4.29 -20.38 28.81
N ASN B 116 -3.40 -19.68 28.10
CA ASN B 116 -3.71 -18.38 27.50
C ASN B 116 -4.14 -18.51 26.05
N ARG B 117 -4.63 -19.70 25.71
CA ARG B 117 -5.01 -20.01 24.35
C ARG B 117 -6.47 -20.51 24.30
N ILE B 118 -7.26 -19.96 23.37
CA ILE B 118 -8.62 -20.43 23.14
C ILE B 118 -8.69 -21.04 21.75
N ILE B 119 -9.26 -22.25 21.67
CA ILE B 119 -9.12 -23.11 20.49
C ILE B 119 -10.45 -23.55 19.87
N TRP B 120 -10.53 -23.41 18.55
CA TRP B 120 -11.67 -23.89 17.78
C TRP B 120 -11.30 -25.16 17.01
N THR B 121 -12.04 -26.25 17.24
CA THR B 121 -11.75 -27.55 16.63
C THR B 121 -12.88 -28.05 15.75
N LEU B 122 -12.56 -28.48 14.54
CA LEU B 122 -13.53 -29.11 13.65
C LEU B 122 -13.20 -30.59 13.48
N ILE B 123 -14.23 -31.42 13.44
CA ILE B 123 -14.04 -32.86 13.23
C ILE B 123 -15.06 -33.42 12.23
N ASP B 124 -14.60 -33.85 11.05
CA ASP B 124 -15.53 -34.29 10.03
C ASP B 124 -16.04 -35.72 10.29
N ILE B 125 -16.92 -36.19 9.42
CA ILE B 125 -17.57 -37.49 9.58
C ILE B 125 -16.58 -38.64 9.58
N ASN B 126 -15.40 -38.39 9.01
CA ASN B 126 -14.32 -39.37 8.94
C ASN B 126 -13.39 -39.35 10.16
N GLY B 127 -13.51 -38.32 11.00
CA GLY B 127 -12.68 -38.20 12.18
C GLY B 127 -11.49 -37.27 11.95
N LYS B 128 -11.39 -36.72 10.75
CA LYS B 128 -10.31 -35.81 10.41
C LYS B 128 -10.50 -34.48 11.16
N THR B 129 -9.43 -33.99 11.77
CA THR B 129 -9.51 -32.85 12.68
C THR B 129 -8.68 -31.64 12.21
N LYS B 130 -9.25 -30.44 12.38
CA LYS B 130 -8.53 -29.19 12.20
C LYS B 130 -8.79 -28.25 13.37
N SER B 131 -7.82 -27.40 13.68
CA SER B 131 -7.93 -26.45 14.79
C SER B 131 -7.45 -25.11 14.31
N VAL B 132 -7.92 -24.07 14.98
CA VAL B 132 -7.45 -22.72 14.78
C VAL B 132 -7.58 -22.07 16.15
N PHE B 133 -6.67 -21.17 16.51
CA PHE B 133 -6.66 -20.67 17.88
C PHE B 133 -6.23 -19.22 18.00
N PHE B 134 -6.57 -18.61 19.12
CA PHE B 134 -6.08 -17.29 19.47
C PHE B 134 -5.33 -17.37 20.78
N GLU B 135 -4.13 -16.82 20.80
CA GLU B 135 -3.31 -16.84 22.00
C GLU B 135 -2.93 -15.42 22.39
N TYR B 136 -3.16 -15.04 23.64
CA TYR B 136 -2.77 -13.71 24.09
C TYR B 136 -1.54 -13.83 24.97
N ASN B 137 -0.71 -12.81 24.91
CA ASN B 137 0.53 -12.75 25.65
C ASN B 137 0.32 -12.85 27.17
N ILE B 138 1.14 -13.64 27.86
CA ILE B 138 1.12 -13.66 29.32
C ILE B 138 2.39 -13.04 29.94
N ARG B 139 3.04 -12.13 29.21
CA ARG B 139 4.21 -11.43 29.74
C ARG B 139 4.08 -9.90 29.63
N GLU B 140 2.90 -9.42 29.25
CA GLU B 140 2.68 -7.97 29.17
C GLU B 140 2.64 -7.35 30.55
N ASP B 141 3.15 -6.13 30.67
CA ASP B 141 3.00 -5.36 31.90
C ASP B 141 1.52 -5.23 32.25
N ILE B 142 0.75 -4.81 31.25
CA ILE B 142 -0.69 -4.67 31.36
C ILE B 142 -1.33 -5.34 30.14
N SER B 143 -2.13 -6.38 30.37
CA SER B 143 -2.78 -7.10 29.27
C SER B 143 -4.17 -6.55 28.97
N GLU B 144 -4.50 -6.50 27.68
CA GLU B 144 -5.84 -6.12 27.25
C GLU B 144 -6.81 -7.29 27.37
N TYR B 145 -6.30 -8.50 27.62
CA TYR B 145 -7.14 -9.70 27.52
C TYR B 145 -7.31 -10.49 28.80
N ILE B 146 -6.24 -10.60 29.60
CA ILE B 146 -6.28 -11.48 30.76
C ILE B 146 -7.33 -11.00 31.76
N ASN B 147 -8.33 -11.85 31.98
CA ASN B 147 -9.41 -11.60 32.94
C ASN B 147 -10.24 -10.39 32.61
N ARG B 148 -10.17 -9.94 31.35
CA ARG B 148 -11.00 -8.83 30.88
C ARG B 148 -11.92 -9.29 29.77
N TRP B 149 -13.15 -8.76 29.75
CA TRP B 149 -14.10 -9.14 28.71
C TRP B 149 -13.58 -8.79 27.32
N PHE B 150 -13.54 -9.78 26.43
CA PHE B 150 -13.29 -9.47 25.02
C PHE B 150 -14.21 -10.33 24.15
N PHE B 151 -14.33 -9.92 22.89
CA PHE B 151 -15.33 -10.43 21.97
C PHE B 151 -14.73 -11.40 20.96
N VAL B 152 -15.23 -12.64 20.95
CA VAL B 152 -14.77 -13.67 20.02
C VAL B 152 -15.79 -13.93 18.92
N THR B 153 -15.34 -14.05 17.66
CA THR B 153 -16.17 -14.60 16.60
C THR B 153 -15.41 -15.59 15.72
N ILE B 154 -16.00 -16.76 15.53
CA ILE B 154 -15.43 -17.82 14.70
C ILE B 154 -16.27 -18.03 13.46
N THR B 155 -15.66 -17.97 12.29
CA THR B 155 -16.40 -18.22 11.05
C THR B 155 -15.84 -19.43 10.30
N ASN B 156 -16.70 -20.08 9.52
CA ASN B 156 -16.33 -21.27 8.76
C ASN B 156 -16.95 -21.30 7.37
N ASN B 157 -16.13 -21.54 6.34
CA ASN B 157 -16.63 -21.92 5.01
C ASN B 157 -15.78 -23.10 4.48
N LEU B 158 -15.77 -23.27 3.16
CA LEU B 158 -14.98 -24.31 2.47
C LEU B 158 -13.51 -24.30 2.74
N ASN B 159 -12.96 -23.09 2.79
CA ASN B 159 -11.53 -22.93 2.71
C ASN B 159 -10.92 -22.53 4.03
N ASN B 160 -11.70 -21.80 4.84
CA ASN B 160 -11.15 -21.18 6.02
C ASN B 160 -11.99 -21.31 7.28
N ALA B 161 -11.31 -21.51 8.40
CA ALA B 161 -11.90 -21.29 9.73
C ALA B 161 -11.19 -20.10 10.36
N LYS B 162 -11.93 -19.03 10.62
CA LYS B 162 -11.30 -17.79 11.08
C LYS B 162 -11.72 -17.44 12.50
N ILE B 163 -10.78 -16.88 13.26
CA ILE B 163 -11.11 -16.34 14.57
C ILE B 163 -10.88 -14.85 14.55
N TYR B 164 -11.93 -14.09 14.86
CA TYR B 164 -11.83 -12.65 15.06
C TYR B 164 -11.88 -12.35 16.54
N ILE B 165 -11.08 -11.38 16.98
CA ILE B 165 -11.10 -10.93 18.35
C ILE B 165 -11.39 -9.43 18.36
N ASN B 166 -12.45 -9.03 19.06
CA ASN B 166 -12.91 -7.65 19.09
C ASN B 166 -13.01 -7.07 17.71
N GLY B 167 -13.54 -7.88 16.79
CA GLY B 167 -13.82 -7.44 15.44
C GLY B 167 -12.69 -7.61 14.43
N LYS B 168 -11.48 -7.94 14.91
CA LYS B 168 -10.32 -8.04 14.01
C LYS B 168 -9.82 -9.48 13.80
N LEU B 169 -9.54 -9.82 12.54
CA LEU B 169 -9.04 -11.16 12.20
C LEU B 169 -7.70 -11.44 12.88
N GLU B 170 -7.58 -12.60 13.55
CA GLU B 170 -6.37 -12.93 14.29
C GLU B 170 -5.73 -14.23 13.82
N SER B 171 -6.57 -15.19 13.45
CA SER B 171 -6.09 -16.50 13.05
C SER B 171 -6.88 -16.97 11.86
N ASN B 172 -6.33 -17.94 11.15
CA ASN B 172 -6.92 -18.43 9.92
C ASN B 172 -6.27 -19.76 9.56
N THR B 173 -7.08 -20.81 9.52
CA THR B 173 -6.61 -22.15 9.19
C THR B 173 -7.34 -22.64 7.95
N ASP B 174 -6.58 -23.14 6.98
CA ASP B 174 -7.19 -23.76 5.80
C ASP B 174 -7.87 -25.08 6.17
N ILE B 175 -9.13 -25.22 5.77
CA ILE B 175 -9.89 -26.44 6.07
C ILE B 175 -10.49 -27.05 4.81
N LYS B 176 -9.80 -26.83 3.69
CA LYS B 176 -10.21 -27.35 2.38
C LYS B 176 -10.34 -28.86 2.40
N ASP B 177 -9.46 -29.52 3.16
CA ASP B 177 -9.37 -30.98 3.17
C ASP B 177 -10.33 -31.63 4.16
N ILE B 178 -11.12 -30.81 4.87
CA ILE B 178 -12.12 -31.37 5.78
C ILE B 178 -13.41 -31.49 5.00
N ARG B 179 -14.15 -32.56 5.27
CA ARG B 179 -15.37 -32.84 4.54
C ARG B 179 -16.56 -32.58 5.43
N GLU B 180 -17.59 -33.41 5.34
CA GLU B 180 -18.83 -33.10 6.01
C GLU B 180 -18.66 -33.14 7.54
N VAL B 181 -19.22 -32.14 8.22
CA VAL B 181 -19.21 -32.11 9.68
C VAL B 181 -20.62 -32.19 10.24
N ILE B 182 -20.85 -33.11 11.16
CA ILE B 182 -22.17 -33.26 11.77
C ILE B 182 -22.42 -32.17 12.80
N ALA B 183 -23.38 -31.30 12.52
CA ALA B 183 -23.54 -30.08 13.33
C ALA B 183 -24.85 -30.00 14.13
N ASN B 184 -25.75 -30.94 13.96
CA ASN B 184 -27.07 -30.86 14.60
C ASN B 184 -27.09 -31.41 16.03
N GLY B 185 -25.93 -31.79 16.55
CA GLY B 185 -25.84 -32.43 17.86
C GLY B 185 -26.13 -31.49 19.03
N GLU B 186 -26.18 -32.07 20.23
CA GLU B 186 -26.34 -31.30 21.46
C GLU B 186 -25.13 -30.39 21.72
N ILE B 187 -25.39 -29.22 22.29
CA ILE B 187 -24.33 -28.30 22.67
C ILE B 187 -24.20 -28.26 24.18
N ILE B 188 -23.06 -28.72 24.69
CA ILE B 188 -22.85 -28.77 26.12
C ILE B 188 -21.83 -27.71 26.58
N PHE B 189 -22.32 -26.69 27.29
CA PHE B 189 -21.48 -25.69 27.95
C PHE B 189 -21.06 -26.26 29.30
N LYS B 190 -19.79 -26.63 29.43
CA LYS B 190 -19.28 -27.22 30.66
C LYS B 190 -17.77 -27.35 30.58
N LEU B 191 -17.07 -26.99 31.67
CA LEU B 191 -15.64 -27.18 31.77
C LEU B 191 -15.36 -28.67 31.85
N ASP B 192 -14.57 -29.18 30.91
CA ASP B 192 -14.33 -30.62 30.86
C ASP B 192 -12.85 -30.94 30.68
N GLY B 193 -12.20 -31.41 31.74
CA GLY B 193 -10.77 -31.73 31.70
C GLY B 193 -10.15 -31.73 33.08
N ASP B 194 -8.82 -31.74 33.14
CA ASP B 194 -8.14 -31.74 34.44
C ASP B 194 -7.98 -30.31 34.95
N ILE B 195 -9.07 -29.78 35.47
CA ILE B 195 -9.13 -28.38 35.88
C ILE B 195 -8.84 -28.24 37.37
N ASP B 196 -8.32 -27.09 37.79
CA ASP B 196 -8.23 -26.80 39.21
C ASP B 196 -9.63 -26.61 39.79
N ARG B 197 -9.78 -26.87 41.09
CA ARG B 197 -11.04 -26.62 41.77
C ARG B 197 -11.49 -25.18 41.59
N THR B 198 -10.51 -24.28 41.52
CA THR B 198 -10.75 -22.83 41.44
C THR B 198 -11.07 -22.36 40.04
N GLN B 199 -10.90 -23.23 39.05
CA GLN B 199 -11.08 -22.83 37.65
C GLN B 199 -12.51 -22.42 37.34
N PHE B 200 -12.66 -21.37 36.53
CA PHE B 200 -13.95 -20.94 36.04
C PHE B 200 -13.81 -20.14 34.75
N ILE B 201 -14.95 -19.85 34.13
CA ILE B 201 -15.01 -19.08 32.90
C ILE B 201 -16.28 -18.19 32.92
N TRP B 202 -16.19 -16.96 32.44
CA TRP B 202 -17.40 -16.16 32.21
C TRP B 202 -17.68 -16.02 30.71
N MET B 203 -18.95 -16.09 30.33
CA MET B 203 -19.38 -15.90 28.94
C MET B 203 -20.60 -15.00 28.85
N LYS B 204 -20.91 -14.58 27.64
CA LYS B 204 -21.99 -13.62 27.41
C LYS B 204 -22.38 -13.63 25.93
N TYR B 205 -23.68 -13.57 25.65
CA TYR B 205 -24.18 -13.40 24.29
C TYR B 205 -23.75 -14.51 23.33
N PHE B 206 -23.84 -15.76 23.77
CA PHE B 206 -23.51 -16.84 22.86
C PHE B 206 -24.53 -16.92 21.74
N SER B 207 -24.03 -16.93 20.50
CA SER B 207 -24.87 -16.90 19.29
C SER B 207 -24.28 -17.78 18.20
N ILE B 208 -25.15 -18.34 17.35
CA ILE B 208 -24.73 -19.15 16.21
C ILE B 208 -25.44 -18.67 14.93
N PHE B 209 -24.71 -18.61 13.83
CA PHE B 209 -25.24 -18.10 12.56
C PHE B 209 -25.06 -19.14 11.47
N ASN B 210 -26.01 -19.25 10.54
CA ASN B 210 -25.90 -20.24 9.48
C ASN B 210 -25.25 -19.67 8.22
N THR B 211 -24.39 -18.68 8.42
CA THR B 211 -23.60 -18.11 7.34
C THR B 211 -22.21 -17.75 7.87
N GLU B 212 -21.26 -17.58 6.95
CA GLU B 212 -19.96 -17.04 7.28
C GLU B 212 -20.05 -15.52 7.42
N LEU B 213 -19.91 -15.01 8.63
CA LEU B 213 -20.04 -13.57 8.88
C LEU B 213 -18.87 -12.79 8.25
N SER B 214 -19.19 -11.67 7.60
CA SER B 214 -18.17 -10.79 7.05
C SER B 214 -17.49 -10.03 8.18
N GLN B 215 -16.27 -9.57 7.95
CA GLN B 215 -15.53 -8.81 8.95
C GLN B 215 -16.32 -7.56 9.34
N SER B 216 -16.91 -6.92 8.32
CA SER B 216 -17.78 -5.77 8.51
C SER B 216 -18.92 -6.06 9.50
N ASN B 217 -19.60 -7.17 9.28
CA ASN B 217 -20.70 -7.58 10.15
C ASN B 217 -20.25 -7.79 11.60
N ILE B 218 -19.13 -8.49 11.78
CA ILE B 218 -18.59 -8.79 13.10
C ILE B 218 -18.17 -7.51 13.85
N GLU B 219 -17.64 -6.57 13.09
CA GLU B 219 -17.19 -5.29 13.65
C GLU B 219 -18.40 -4.46 14.14
N GLU B 220 -19.48 -4.50 13.36
CA GLU B 220 -20.71 -3.81 13.72
C GLU B 220 -21.31 -4.43 14.99
N ARG B 221 -21.37 -5.76 15.03
CA ARG B 221 -21.88 -6.46 16.21
C ARG B 221 -21.01 -6.15 17.42
N TYR B 222 -19.70 -6.08 17.22
CA TYR B 222 -18.77 -5.70 18.29
C TYR B 222 -19.14 -4.39 18.94
N LYS B 223 -19.41 -3.38 18.13
CA LYS B 223 -19.75 -2.05 18.64
C LYS B 223 -21.14 -2.04 19.30
N ILE B 224 -22.11 -2.65 18.63
CA ILE B 224 -23.47 -2.72 19.16
C ILE B 224 -23.52 -3.43 20.52
N GLN B 225 -22.82 -4.56 20.65
CA GLN B 225 -22.86 -5.32 21.90
C GLN B 225 -21.90 -4.73 22.93
N SER B 226 -21.04 -3.81 22.53
CA SER B 226 -20.20 -3.09 23.48
C SER B 226 -20.96 -1.93 24.11
N TYR B 227 -22.00 -1.47 23.43
CA TYR B 227 -22.67 -0.24 23.87
C TYR B 227 -23.41 -0.37 25.19
N SER B 228 -23.23 0.63 26.05
CA SER B 228 -23.96 0.73 27.30
C SER B 228 -24.12 2.19 27.70
N GLU B 229 -25.17 2.48 28.46
CA GLU B 229 -25.39 3.81 28.99
C GLU B 229 -24.49 4.03 30.22
N TYR B 230 -24.05 2.93 30.82
CA TYR B 230 -23.15 3.00 31.96
C TYR B 230 -21.69 2.96 31.55
N LEU B 231 -20.82 3.39 32.47
CA LEU B 231 -19.39 3.22 32.29
C LEU B 231 -18.96 1.83 32.77
N LYS B 232 -17.76 1.40 32.42
CA LYS B 232 -17.31 0.07 32.79
C LYS B 232 -16.05 0.14 33.64
N ASP B 233 -15.77 -0.90 34.41
CA ASP B 233 -14.51 -0.93 35.14
C ASP B 233 -13.41 -1.55 34.26
N PHE B 234 -12.22 -1.70 34.84
CA PHE B 234 -11.06 -2.21 34.14
C PHE B 234 -11.32 -3.58 33.50
N TRP B 235 -12.12 -4.41 34.17
CA TRP B 235 -12.42 -5.75 33.69
C TRP B 235 -13.53 -5.79 32.64
N GLY B 236 -14.20 -4.66 32.44
CA GLY B 236 -15.28 -4.56 31.48
C GLY B 236 -16.69 -4.76 32.05
N ASN B 237 -16.77 -4.93 33.36
CA ASN B 237 -18.08 -5.00 34.03
C ASN B 237 -18.59 -3.59 34.28
N PRO B 238 -19.90 -3.43 34.58
CA PRO B 238 -20.43 -2.07 34.81
C PRO B 238 -19.75 -1.39 35.98
N LEU B 239 -19.41 -0.12 35.80
CA LEU B 239 -18.80 0.70 36.86
C LEU B 239 -19.84 1.03 37.93
N MET B 240 -19.48 0.84 39.20
CA MET B 240 -20.45 0.94 40.31
C MET B 240 -20.15 2.01 41.36
N TYR B 241 -21.20 2.61 41.94
CA TYR B 241 -21.04 3.44 43.13
C TYR B 241 -20.76 2.57 44.35
N ASN B 242 -20.11 3.16 45.35
CA ASN B 242 -19.87 2.50 46.63
C ASN B 242 -19.06 1.21 46.49
N LYS B 243 -18.22 1.15 45.46
CA LYS B 243 -17.35 0.01 45.22
C LYS B 243 -15.90 0.45 45.24
N GLU B 244 -15.08 -0.24 46.02
CA GLU B 244 -13.66 0.13 46.16
C GLU B 244 -12.87 -0.16 44.88
N TYR B 245 -12.18 0.85 44.37
CA TYR B 245 -11.44 0.71 43.12
C TYR B 245 -10.00 1.20 43.27
N TYR B 246 -9.05 0.43 42.74
CA TYR B 246 -7.73 1.00 42.50
C TYR B 246 -7.83 1.72 41.17
N MET B 247 -6.96 2.70 40.93
CA MET B 247 -7.10 3.48 39.70
C MET B 247 -5.97 3.22 38.70
N PHE B 248 -6.36 3.01 37.45
CA PHE B 248 -5.41 2.72 36.38
C PHE B 248 -5.43 3.89 35.40
N ASN B 249 -4.27 4.21 34.83
CA ASN B 249 -4.18 5.27 33.83
C ASN B 249 -3.76 4.67 32.48
N ALA B 250 -4.65 4.78 31.49
CA ALA B 250 -4.40 4.16 30.19
C ALA B 250 -3.23 4.80 29.49
N GLY B 251 -2.95 6.06 29.85
CA GLY B 251 -1.87 6.83 29.26
C GLY B 251 -0.56 6.64 29.97
N ASN B 252 -0.63 6.01 31.14
CA ASN B 252 0.52 5.79 31.99
C ASN B 252 0.40 4.44 32.64
N LYS B 253 0.48 3.39 31.82
CA LYS B 253 0.09 2.05 32.25
C LYS B 253 0.79 1.58 33.52
N ASN B 254 2.05 1.98 33.70
CA ASN B 254 2.82 1.51 34.84
C ASN B 254 2.83 2.52 36.01
N SER B 255 1.94 3.52 35.94
CA SER B 255 1.84 4.53 36.98
C SER B 255 0.60 4.35 37.88
N TYR B 256 0.77 4.56 39.19
CA TYR B 256 -0.36 4.54 40.13
C TYR B 256 -0.29 5.69 41.12
N ILE B 257 -1.42 5.97 41.79
CA ILE B 257 -1.52 7.12 42.71
C ILE B 257 -1.30 6.77 44.19
N LYS B 258 -0.49 7.57 44.86
CA LYS B 258 -0.30 7.42 46.30
C LYS B 258 -0.30 8.78 47.00
N LEU B 259 -1.05 8.91 48.09
CA LEU B 259 -1.05 10.13 48.88
C LEU B 259 0.34 10.40 49.41
N LYS B 260 0.90 11.56 49.08
CA LYS B 260 2.26 11.87 49.54
C LYS B 260 2.31 12.03 51.05
N LYS B 261 3.35 11.46 51.66
CA LYS B 261 3.47 11.47 53.11
C LYS B 261 3.66 12.90 53.59
N ASP B 262 2.91 13.28 54.64
CA ASP B 262 2.97 14.64 55.17
C ASP B 262 2.71 15.70 54.11
N SER B 263 1.85 15.37 53.15
CA SER B 263 1.54 16.28 52.06
C SER B 263 0.16 16.02 51.49
N PRO B 264 -0.55 17.08 51.05
CA PRO B 264 -1.90 16.90 50.55
C PRO B 264 -1.98 16.64 49.04
N VAL B 265 -1.09 15.82 48.52
CA VAL B 265 -1.08 15.57 47.08
C VAL B 265 -0.98 14.09 46.78
N GLY B 266 -1.41 13.72 45.58
CA GLY B 266 -1.22 12.38 45.08
C GLY B 266 0.05 12.36 44.27
N GLU B 267 1.09 11.71 44.77
CA GLU B 267 2.28 11.49 43.97
C GLU B 267 2.07 10.24 43.12
N ILE B 268 2.78 10.16 42.01
CA ILE B 268 2.65 9.04 41.09
C ILE B 268 3.86 8.13 41.20
N LEU B 269 3.63 6.83 41.39
CA LEU B 269 4.72 5.88 41.50
C LEU B 269 4.63 4.79 40.42
N THR B 270 5.69 3.99 40.31
CA THR B 270 5.77 2.93 39.32
C THR B 270 5.31 1.59 39.88
N ARG B 271 4.45 0.90 39.13
CA ARG B 271 3.94 -0.41 39.53
C ARG B 271 5.06 -1.41 39.77
N SER B 272 5.00 -2.10 40.90
CA SER B 272 5.85 -3.26 41.14
C SER B 272 5.43 -4.37 40.19
N LYS B 273 6.31 -5.37 40.01
CA LYS B 273 6.03 -6.43 39.05
C LYS B 273 6.16 -7.82 39.67
N TYR B 274 5.76 -8.82 38.87
CA TYR B 274 5.92 -10.21 39.26
C TYR B 274 7.38 -10.46 39.65
N ASN B 275 7.59 -11.02 40.84
CA ASN B 275 8.91 -11.07 41.45
C ASN B 275 9.44 -12.49 41.61
N GLN B 276 8.67 -13.47 41.16
CA GLN B 276 9.01 -14.86 41.43
C GLN B 276 9.77 -15.43 40.24
N ASN B 277 10.37 -16.60 40.41
CA ASN B 277 11.22 -17.18 39.38
C ASN B 277 10.53 -18.08 38.37
N SER B 278 9.43 -17.62 37.78
CA SER B 278 8.92 -18.30 36.60
C SER B 278 9.24 -17.50 35.33
N LYS B 279 9.72 -18.21 34.30
CA LYS B 279 10.15 -17.56 33.06
C LYS B 279 8.99 -17.49 32.07
N TYR B 280 7.88 -18.11 32.44
CA TYR B 280 6.72 -18.21 31.56
C TYR B 280 5.77 -17.03 31.66
N ILE B 281 5.78 -16.31 32.78
CA ILE B 281 4.82 -15.23 33.01
C ILE B 281 5.48 -13.94 33.47
N ASN B 282 4.89 -12.81 33.08
CA ASN B 282 5.22 -11.49 33.64
C ASN B 282 4.00 -10.58 33.71
N TYR B 283 3.91 -9.79 34.77
CA TYR B 283 2.85 -8.78 34.88
C TYR B 283 3.25 -7.66 35.86
N ARG B 284 2.58 -6.50 35.74
CA ARG B 284 2.64 -5.44 36.75
C ARG B 284 1.46 -5.58 37.73
N ASP B 285 1.72 -5.30 39.00
CA ASP B 285 0.69 -5.39 40.03
C ASP B 285 -0.42 -4.37 39.80
N LEU B 286 -1.65 -4.79 40.07
CA LEU B 286 -2.83 -3.96 39.86
C LEU B 286 -3.46 -3.47 41.18
N TYR B 287 -3.33 -4.26 42.24
CA TYR B 287 -4.02 -3.93 43.49
C TYR B 287 -3.16 -3.03 44.37
N ILE B 288 -2.75 -1.89 43.81
CA ILE B 288 -1.83 -1.00 44.52
C ILE B 288 -2.26 0.45 44.42
N GLY B 289 -1.69 1.28 45.29
CA GLY B 289 -2.10 2.66 45.35
C GLY B 289 -3.32 2.79 46.24
N GLU B 290 -3.84 4.01 46.36
CA GLU B 290 -5.00 4.28 47.21
C GLU B 290 -6.25 3.52 46.74
N LYS B 291 -7.04 3.04 47.70
CA LYS B 291 -8.34 2.44 47.38
C LYS B 291 -9.34 3.57 47.21
N PHE B 292 -9.76 3.80 45.98
CA PHE B 292 -10.73 4.84 45.70
C PHE B 292 -12.15 4.32 45.81
N ILE B 293 -13.10 5.22 45.90
CA ILE B 293 -14.51 4.85 45.87
C ILE B 293 -15.35 6.01 45.31
N ILE B 294 -16.30 5.69 44.45
CA ILE B 294 -17.14 6.71 43.82
C ILE B 294 -18.48 6.88 44.54
N ARG B 295 -18.79 8.11 44.92
CA ARG B 295 -20.05 8.40 45.61
C ARG B 295 -20.99 9.22 44.72
N ARG B 296 -22.28 8.93 44.81
CA ARG B 296 -23.32 9.74 44.16
C ARG B 296 -23.39 11.14 44.74
N LYS B 297 -23.51 12.12 43.86
CA LYS B 297 -23.91 13.48 44.24
C LYS B 297 -25.39 13.69 43.92
N SER B 298 -26.20 13.91 44.96
CA SER B 298 -27.63 14.16 44.78
C SER B 298 -28.20 14.98 45.93
N ASN B 304 -33.34 3.27 41.21
CA ASN B 304 -32.09 3.92 41.61
C ASN B 304 -31.07 2.87 42.07
N ASP B 305 -30.52 2.16 41.10
CA ASP B 305 -29.43 1.20 41.26
C ASP B 305 -28.07 1.90 41.52
N ASP B 306 -27.03 1.11 41.76
CA ASP B 306 -25.71 1.66 42.10
C ASP B 306 -24.78 1.75 40.90
N ILE B 307 -25.37 1.80 39.71
CA ILE B 307 -24.61 1.84 38.47
C ILE B 307 -24.21 3.28 38.11
N VAL B 308 -22.94 3.48 37.77
CA VAL B 308 -22.48 4.81 37.36
C VAL B 308 -22.73 5.01 35.88
N ARG B 309 -23.44 6.08 35.55
CA ARG B 309 -23.79 6.36 34.16
C ARG B 309 -23.02 7.56 33.65
N LYS B 310 -22.84 7.61 32.32
CA LYS B 310 -22.22 8.76 31.68
C LYS B 310 -22.95 10.04 32.06
N GLU B 311 -22.19 11.11 32.33
CA GLU B 311 -22.70 12.44 32.72
C GLU B 311 -23.14 12.54 34.20
N ASP B 312 -23.09 11.43 34.93
CA ASP B 312 -23.36 11.45 36.37
C ASP B 312 -22.39 12.37 37.08
N TYR B 313 -22.90 13.08 38.10
CA TYR B 313 -22.04 13.91 38.94
C TYR B 313 -21.63 13.13 40.16
N ILE B 314 -20.34 13.14 40.47
CA ILE B 314 -19.77 12.24 41.47
C ILE B 314 -18.76 12.89 42.40
N TYR B 315 -18.50 12.22 43.52
CA TYR B 315 -17.36 12.54 44.37
C TYR B 315 -16.34 11.42 44.26
N LEU B 316 -15.09 11.79 43.99
CA LEU B 316 -14.04 10.81 43.98
C LEU B 316 -13.38 10.77 45.35
N ASP B 317 -13.71 9.73 46.10
CA ASP B 317 -13.21 9.60 47.44
C ASP B 317 -12.21 8.47 47.50
N PHE B 318 -11.47 8.41 48.61
CA PHE B 318 -10.55 7.32 48.85
C PHE B 318 -10.31 7.18 50.35
N PHE B 319 -9.78 6.03 50.75
CA PHE B 319 -9.61 5.74 52.16
C PHE B 319 -8.21 6.04 52.66
N ASN B 320 -8.14 6.89 53.68
CA ASN B 320 -6.90 7.22 54.34
C ASN B 320 -6.96 6.66 55.75
N LEU B 321 -6.29 5.53 55.95
CA LEU B 321 -6.45 4.75 57.16
C LEU B 321 -7.92 4.38 57.27
N ASN B 322 -8.58 4.75 58.36
CA ASN B 322 -9.99 4.44 58.52
C ASN B 322 -10.86 5.67 58.30
N GLN B 323 -10.35 6.62 57.54
CA GLN B 323 -11.12 7.81 57.19
C GLN B 323 -11.29 7.90 55.69
N GLU B 324 -12.48 8.32 55.25
CA GLU B 324 -12.73 8.51 53.82
C GLU B 324 -12.42 9.95 53.43
N TRP B 325 -11.40 10.09 52.59
CA TRP B 325 -11.00 11.40 52.12
C TRP B 325 -11.59 11.65 50.75
N ARG B 326 -11.32 12.84 50.21
CA ARG B 326 -11.95 13.26 48.98
C ARG B 326 -10.89 13.94 48.10
N VAL B 327 -11.11 13.94 46.79
CA VAL B 327 -10.19 14.58 45.86
C VAL B 327 -10.77 15.92 45.44
N TYR B 328 -10.00 16.98 45.69
CA TYR B 328 -10.44 18.34 45.37
C TYR B 328 -9.49 19.03 44.39
N THR B 329 -9.97 20.11 43.78
CA THR B 329 -9.14 21.05 43.04
C THR B 329 -9.29 22.52 43.50
N TYR B 330 -8.18 23.25 43.50
CA TYR B 330 -8.20 24.69 43.76
C TYR B 330 -9.10 25.36 42.72
N LYS B 331 -9.97 26.26 43.17
CA LYS B 331 -10.90 26.91 42.26
C LYS B 331 -10.18 27.85 41.30
N TYR B 332 -9.10 28.46 41.80
CA TYR B 332 -8.32 29.42 41.04
C TYR B 332 -6.86 28.98 40.89
N PHE B 333 -6.52 28.47 39.72
CA PHE B 333 -5.13 28.21 39.37
C PHE B 333 -4.87 28.84 38.00
N LYS B 334 -3.71 29.48 37.86
CA LYS B 334 -3.45 30.28 36.67
C LYS B 334 -2.70 29.51 35.58
N LYS B 335 -1.93 28.50 35.97
CA LYS B 335 -1.20 27.70 35.00
C LYS B 335 -2.12 26.70 34.27
N GLU B 336 -1.58 26.04 33.24
CA GLU B 336 -2.39 25.17 32.40
C GLU B 336 -2.85 23.93 33.19
N GLU B 337 -2.12 23.61 34.25
CA GLU B 337 -2.52 22.53 35.15
C GLU B 337 -2.08 22.76 36.60
N GLU B 338 -2.74 22.05 37.53
CA GLU B 338 -2.46 22.18 38.96
C GLU B 338 -2.65 20.84 39.68
N LYS B 339 -1.80 20.58 40.67
CA LYS B 339 -1.92 19.37 41.47
C LYS B 339 -3.26 19.32 42.19
N LEU B 340 -3.86 18.13 42.23
CA LEU B 340 -5.12 17.96 42.93
C LEU B 340 -4.89 18.02 44.42
N PHE B 341 -5.93 18.38 45.15
CA PHE B 341 -5.83 18.52 46.60
C PHE B 341 -6.57 17.37 47.28
N LEU B 342 -5.84 16.55 48.02
CA LEU B 342 -6.46 15.40 48.67
C LEU B 342 -6.54 15.63 50.19
N ALA B 343 -7.77 15.70 50.71
CA ALA B 343 -8.01 16.09 52.10
C ALA B 343 -9.32 15.45 52.60
N PRO B 344 -9.61 15.51 53.92
CA PRO B 344 -10.88 14.97 54.42
C PRO B 344 -12.11 15.66 53.83
N ILE B 345 -13.26 15.02 53.95
CA ILE B 345 -14.52 15.55 53.44
C ILE B 345 -14.83 16.85 54.17
N SER B 346 -15.21 17.86 53.39
CA SER B 346 -15.22 19.22 53.89
C SER B 346 -15.99 20.18 52.98
N ASP B 347 -16.53 21.22 53.60
CA ASP B 347 -17.06 22.33 52.83
C ASP B 347 -15.97 23.40 52.85
N SER B 348 -15.75 24.01 51.69
CA SER B 348 -14.84 25.15 51.59
C SER B 348 -15.14 25.93 50.32
N ASP B 349 -15.14 27.25 50.43
CA ASP B 349 -15.33 28.09 49.26
C ASP B 349 -14.02 28.21 48.45
N GLU B 350 -13.02 27.45 48.89
CA GLU B 350 -11.71 27.47 48.26
C GLU B 350 -11.52 26.27 47.31
N PHE B 351 -12.49 25.35 47.29
CA PHE B 351 -12.36 24.13 46.50
C PHE B 351 -13.64 23.71 45.77
N TYR B 352 -13.50 23.29 44.52
CA TYR B 352 -14.55 22.52 43.86
C TYR B 352 -14.35 21.06 44.24
N ASN B 353 -15.43 20.30 44.35
CA ASN B 353 -15.30 18.87 44.59
C ASN B 353 -16.22 18.04 43.69
N THR B 354 -17.05 18.72 42.90
CA THR B 354 -18.00 18.04 42.07
C THR B 354 -17.34 17.65 40.74
N ILE B 355 -17.38 16.36 40.45
CA ILE B 355 -16.79 15.80 39.24
C ILE B 355 -17.86 15.23 38.32
N GLN B 356 -17.76 15.53 37.03
CA GLN B 356 -18.63 14.87 36.07
C GLN B 356 -17.85 13.80 35.31
N ILE B 357 -18.30 12.55 35.43
CA ILE B 357 -17.64 11.45 34.76
C ILE B 357 -18.12 11.47 33.30
N LYS B 358 -17.17 11.35 32.39
CA LYS B 358 -17.42 11.46 30.95
C LYS B 358 -16.92 10.25 30.16
N GLU B 359 -17.37 10.17 28.91
CA GLU B 359 -16.83 9.22 27.98
C GLU B 359 -16.69 9.87 26.61
N TYR B 360 -15.51 10.44 26.33
CA TYR B 360 -15.31 11.18 25.07
C TYR B 360 -15.09 10.24 23.89
N ASP B 361 -14.56 9.05 24.16
CA ASP B 361 -14.31 8.07 23.10
C ASP B 361 -15.61 7.51 22.53
N GLU B 362 -15.72 7.48 21.21
CA GLU B 362 -16.93 6.98 20.56
C GLU B 362 -16.84 5.49 20.26
N GLN B 363 -15.64 4.94 20.36
CA GLN B 363 -15.37 3.52 20.12
C GLN B 363 -15.33 2.76 21.44
N PRO B 364 -15.53 1.43 21.40
CA PRO B 364 -15.51 0.65 22.65
C PRO B 364 -14.22 0.85 23.43
N THR B 365 -14.36 1.08 24.72
CA THR B 365 -13.23 1.29 25.62
C THR B 365 -13.69 1.01 27.04
N TYR B 366 -12.74 0.74 27.93
CA TYR B 366 -13.05 0.64 29.34
C TYR B 366 -12.54 1.88 30.07
N SER B 367 -11.96 2.81 29.31
CA SER B 367 -11.47 4.08 29.83
C SER B 367 -12.60 5.10 30.00
N CYS B 368 -12.50 5.94 31.01
CA CYS B 368 -13.39 7.08 31.16
C CYS B 368 -12.60 8.32 31.58
N GLN B 369 -13.26 9.48 31.59
CA GLN B 369 -12.60 10.72 31.99
C GLN B 369 -13.35 11.45 33.12
N LEU B 370 -12.61 12.24 33.88
CA LEU B 370 -13.16 12.88 35.07
C LEU B 370 -13.02 14.39 34.95
N LEU B 371 -14.16 15.05 34.74
CA LEU B 371 -14.23 16.49 34.50
C LEU B 371 -14.72 17.27 35.71
N PHE B 372 -13.93 18.25 36.13
CA PHE B 372 -14.35 19.17 37.19
C PHE B 372 -15.19 20.33 36.65
N LYS B 373 -16.28 20.64 37.32
CA LYS B 373 -17.08 21.83 37.01
C LYS B 373 -17.38 22.66 38.25
N LYS B 374 -17.74 23.93 38.02
CA LYS B 374 -18.11 24.87 39.08
C LYS B 374 -19.35 24.36 39.82
N ASP B 375 -20.41 24.12 39.05
CA ASP B 375 -21.66 23.61 39.58
C ASP B 375 -22.28 22.65 38.58
N GLU B 376 -23.28 21.89 39.01
CA GLU B 376 -24.00 20.99 38.11
C GLU B 376 -24.71 21.78 37.00
N GLU B 377 -24.87 23.08 37.22
CA GLU B 377 -25.61 23.95 36.30
C GLU B 377 -24.69 24.67 35.32
N SER B 378 -23.48 25.03 35.78
CA SER B 378 -22.57 25.85 34.99
C SER B 378 -22.13 25.20 33.67
N THR B 379 -21.99 26.03 32.64
CA THR B 379 -21.52 25.56 31.34
C THR B 379 -19.99 25.56 31.29
N ASP B 380 -19.37 26.31 32.21
CA ASP B 380 -17.92 26.45 32.22
C ASP B 380 -17.20 25.19 32.67
N GLU B 381 -16.17 24.81 31.92
CA GLU B 381 -15.40 23.62 32.21
C GLU B 381 -14.03 23.99 32.77
N ILE B 382 -13.76 23.52 33.98
CA ILE B 382 -12.55 23.88 34.71
C ILE B 382 -11.32 23.14 34.19
N GLY B 383 -11.45 21.83 34.05
CA GLY B 383 -10.35 20.98 33.60
C GLY B 383 -10.64 19.50 33.78
N LEU B 384 -9.73 18.66 33.30
CA LEU B 384 -9.86 17.21 33.45
C LEU B 384 -8.80 16.67 34.40
N ILE B 385 -9.16 15.64 35.17
CA ILE B 385 -8.18 14.97 36.01
C ILE B 385 -7.21 14.16 35.15
N GLY B 386 -5.92 14.31 35.42
CA GLY B 386 -4.88 13.64 34.64
C GLY B 386 -3.54 13.64 35.33
N ILE B 387 -2.55 13.03 34.68
CA ILE B 387 -1.21 13.00 35.23
C ILE B 387 -0.37 14.08 34.53
N HIS B 388 0.34 14.87 35.32
CA HIS B 388 1.26 15.84 34.75
C HIS B 388 2.68 15.69 35.29
N ARG B 389 3.65 16.21 34.55
CA ARG B 389 5.03 16.07 34.94
C ARG B 389 5.60 17.39 35.46
N PHE B 390 6.46 17.25 36.46
CA PHE B 390 7.03 18.36 37.17
C PHE B 390 8.49 18.04 37.32
N TYR B 391 9.33 18.92 36.82
CA TYR B 391 10.76 18.77 36.96
C TYR B 391 11.22 19.59 38.17
N GLU B 392 11.58 18.89 39.25
CA GLU B 392 11.74 19.55 40.54
C GLU B 392 13.17 20.03 40.75
N SER B 393 14.10 19.45 40.00
CA SER B 393 15.42 20.02 39.90
C SER B 393 15.37 20.89 38.67
N GLY B 394 16.29 20.69 37.75
CA GLY B 394 16.22 21.36 36.47
C GLY B 394 15.30 20.60 35.53
N ILE B 395 15.08 21.16 34.34
CA ILE B 395 14.36 20.44 33.30
C ILE B 395 15.29 19.39 32.70
N VAL B 396 15.24 18.21 33.33
CA VAL B 396 15.94 17.02 32.87
C VAL B 396 14.87 15.97 32.57
N PHE B 397 14.79 15.54 31.32
CA PHE B 397 13.66 14.74 30.88
C PHE B 397 13.53 13.38 31.58
N GLU B 398 14.62 12.88 32.14
CA GLU B 398 14.62 11.58 32.78
C GLU B 398 14.61 11.69 34.32
N GLU B 399 14.60 12.92 34.82
CA GLU B 399 14.52 13.16 36.27
C GLU B 399 13.37 14.11 36.59
N TYR B 400 12.28 13.54 37.09
CA TYR B 400 11.01 14.24 37.21
C TYR B 400 10.18 13.71 38.37
N LYS B 401 9.06 14.37 38.62
CA LYS B 401 8.06 13.88 39.55
C LYS B 401 6.69 13.99 38.90
N ASP B 402 5.97 12.88 38.80
CA ASP B 402 4.62 12.91 38.27
C ASP B 402 3.61 13.10 39.40
N TYR B 403 2.51 13.79 39.10
CA TYR B 403 1.52 14.07 40.12
C TYR B 403 0.09 13.90 39.62
N PHE B 404 -0.77 13.50 40.54
CA PHE B 404 -2.22 13.48 40.37
C PHE B 404 -2.73 14.91 40.17
N CYS B 405 -3.11 15.27 38.95
CA CYS B 405 -3.39 16.68 38.64
C CYS B 405 -4.72 16.96 37.95
N ILE B 406 -5.10 18.23 37.90
CA ILE B 406 -6.14 18.72 37.01
C ILE B 406 -5.46 19.49 35.88
N SER B 407 -6.04 19.48 34.68
CA SER B 407 -5.41 20.08 33.52
C SER B 407 -6.40 20.66 32.51
N LYS B 408 -6.12 21.88 32.03
CA LYS B 408 -6.91 22.50 30.98
C LYS B 408 -6.46 21.98 29.62
N TRP B 409 -5.22 21.51 29.56
CA TRP B 409 -4.66 21.03 28.29
C TRP B 409 -5.47 19.84 27.77
N TYR B 410 -5.79 18.89 28.65
CA TYR B 410 -6.57 17.72 28.25
C TYR B 410 -7.97 18.07 27.72
N LEU B 411 -8.51 19.20 28.17
CA LEU B 411 -9.81 19.65 27.72
C LEU B 411 -9.83 19.78 26.21
N LYS B 412 -8.76 20.34 25.65
CA LYS B 412 -8.71 20.49 24.20
C LYS B 412 -8.34 19.17 23.51
N GLU B 413 -7.47 18.40 24.15
CA GLU B 413 -6.95 17.18 23.52
C GLU B 413 -8.06 16.13 23.32
N VAL B 414 -9.05 16.07 24.21
CA VAL B 414 -10.11 15.07 24.10
C VAL B 414 -11.09 15.38 22.95
N LYS B 415 -10.96 16.57 22.37
CA LYS B 415 -11.81 16.98 21.25
C LYS B 415 -11.35 16.42 19.92
N ARG B 416 -10.11 15.96 19.87
CA ARG B 416 -9.53 15.51 18.60
C ARG B 416 -10.14 14.19 18.16
N LYS B 417 -10.37 14.04 16.87
CA LYS B 417 -10.88 12.78 16.33
C LYS B 417 -9.91 12.20 15.29
N PRO B 418 -9.61 10.90 15.38
CA PRO B 418 -10.15 9.95 16.37
C PRO B 418 -9.64 10.20 17.79
N TYR B 419 -10.34 9.66 18.78
CA TYR B 419 -10.00 9.90 20.17
C TYR B 419 -8.61 9.37 20.49
N ASN B 420 -7.83 10.18 21.20
CA ASN B 420 -6.51 9.78 21.64
C ASN B 420 -6.58 8.87 22.87
N LEU B 421 -6.53 7.56 22.63
CA LEU B 421 -6.62 6.54 23.69
C LEU B 421 -5.48 6.65 24.69
N LYS B 422 -4.37 7.24 24.26
CA LYS B 422 -3.14 7.25 25.06
CA LYS B 422 -3.14 7.25 25.06
C LYS B 422 -3.01 8.46 25.98
N LEU B 423 -4.01 9.34 25.96
CA LEU B 423 -4.00 10.53 26.85
C LEU B 423 -3.89 10.16 28.33
N GLY B 424 -3.11 10.94 29.08
CA GLY B 424 -2.97 10.73 30.50
C GLY B 424 -4.19 11.09 31.34
N CYS B 425 -5.27 11.50 30.69
CA CYS B 425 -6.52 11.76 31.40
C CYS B 425 -7.49 10.58 31.24
N ASN B 426 -7.02 9.50 30.62
CA ASN B 426 -7.85 8.29 30.47
C ASN B 426 -7.68 7.38 31.67
N TRP B 427 -8.77 7.17 32.40
CA TRP B 427 -8.73 6.42 33.65
C TRP B 427 -9.58 5.15 33.61
N GLN B 428 -9.16 4.17 34.39
CA GLN B 428 -9.93 2.94 34.54
C GLN B 428 -9.88 2.50 35.98
N PHE B 429 -10.96 1.88 36.44
CA PHE B 429 -11.08 1.50 37.82
C PHE B 429 -10.94 -0.01 38.00
N ILE B 430 -10.06 -0.41 38.91
CA ILE B 430 -9.78 -1.82 39.12
C ILE B 430 -10.26 -2.30 40.48
N PRO B 431 -11.38 -3.03 40.49
CA PRO B 431 -11.87 -3.66 41.72
C PRO B 431 -11.18 -5.01 41.91
N LYS B 432 -11.11 -5.48 43.14
CA LYS B 432 -10.71 -6.87 43.40
C LYS B 432 -11.64 -7.80 42.63
N ASP B 433 -11.05 -8.84 42.02
CA ASP B 433 -11.81 -9.77 41.20
C ASP B 433 -11.24 -11.16 41.44
N GLU B 434 -12.08 -12.20 41.52
CA GLU B 434 -11.52 -13.52 41.81
C GLU B 434 -10.67 -14.03 40.64
N GLY B 435 -10.82 -13.40 39.48
CA GLY B 435 -10.07 -13.78 38.31
C GLY B 435 -8.69 -13.14 38.19
N TRP B 436 -8.28 -12.38 39.21
CA TRP B 436 -6.93 -11.84 39.20
C TRP B 436 -6.31 -11.94 40.59
N THR B 437 -5.28 -12.78 40.70
CA THR B 437 -4.55 -12.89 41.96
C THR B 437 -3.09 -12.54 41.76
N GLU B 438 -2.51 -11.94 42.79
CA GLU B 438 -1.14 -11.45 42.77
C GLU B 438 -0.59 -11.44 44.21
N VAL C 10 3.94 28.52 -32.97
CA VAL C 10 4.51 29.86 -33.17
C VAL C 10 3.94 30.85 -32.13
N GLU C 11 4.86 31.48 -31.40
CA GLU C 11 4.49 32.45 -30.37
C GLU C 11 4.46 33.85 -30.94
N SER C 12 3.62 34.69 -30.37
CA SER C 12 3.70 36.10 -30.71
C SER C 12 3.28 36.93 -29.52
N GLY C 13 3.52 38.24 -29.61
CA GLY C 13 3.05 39.13 -28.56
C GLY C 13 4.18 39.73 -27.75
N GLY C 14 5.38 39.20 -27.92
CA GLY C 14 6.50 39.66 -27.13
C GLY C 14 6.84 41.11 -27.39
N GLY C 15 7.91 41.60 -26.76
CA GLY C 15 8.37 42.96 -26.96
C GLY C 15 8.92 43.60 -25.70
N LEU C 16 9.05 44.92 -25.71
CA LEU C 16 9.68 45.67 -24.63
C LEU C 16 8.64 46.31 -23.72
N VAL C 17 8.76 46.05 -22.45
CA VAL C 17 7.80 46.50 -21.48
C VAL C 17 8.45 47.10 -20.27
N GLN C 18 7.92 48.24 -19.86
CA GLN C 18 8.34 48.95 -18.68
C GLN C 18 7.83 48.21 -17.45
N ALA C 19 8.52 48.39 -16.33
CA ALA C 19 8.20 47.69 -15.09
C ALA C 19 7.39 48.57 -14.15
N GLY C 20 6.22 48.11 -13.70
CA GLY C 20 5.68 46.79 -14.01
C GLY C 20 4.36 46.84 -14.76
N GLY C 21 4.46 46.76 -16.08
CA GLY C 21 3.36 46.80 -16.97
C GLY C 21 2.87 45.42 -17.31
N SER C 22 2.15 45.32 -18.41
CA SER C 22 1.55 44.03 -18.76
C SER C 22 1.83 43.67 -20.19
N LEU C 23 1.71 42.38 -20.48
CA LEU C 23 1.96 41.84 -21.80
C LEU C 23 1.18 40.55 -21.97
N ARG C 24 0.65 40.32 -23.17
CA ARG C 24 -0.10 39.09 -23.41
C ARG C 24 0.51 38.33 -24.58
N LEU C 25 1.04 37.15 -24.28
CA LEU C 25 1.58 36.29 -25.32
C LEU C 25 0.50 35.38 -25.86
N SER C 26 0.62 35.00 -27.13
CA SER C 26 -0.28 34.03 -27.69
C SER C 26 0.48 33.00 -28.50
N CYS C 27 -0.15 31.84 -28.68
CA CYS C 27 0.43 30.82 -29.50
C CYS C 27 -0.63 30.05 -30.26
N ALA C 28 -0.43 29.96 -31.58
CA ALA C 28 -1.20 29.06 -32.40
C ALA C 28 -0.67 27.68 -32.12
N ALA C 29 -1.40 26.93 -31.30
CA ALA C 29 -0.93 25.63 -30.86
C ALA C 29 -1.73 24.53 -31.51
N SER C 30 -2.05 24.70 -32.79
CA SER C 30 -2.68 23.65 -33.56
C SER C 30 -1.52 22.84 -34.12
N ILE C 31 -0.37 23.49 -34.14
CA ILE C 31 0.88 22.80 -34.43
C ILE C 31 1.30 22.42 -33.02
N LEU C 32 2.35 21.62 -32.88
CA LEU C 32 2.80 21.12 -31.58
C LEU C 32 1.86 20.05 -31.01
N THR C 33 0.65 19.94 -31.57
CA THR C 33 -0.38 19.11 -30.95
C THR C 33 -1.05 18.17 -31.94
N TYR C 34 -0.52 18.12 -33.15
CA TYR C 34 -1.07 17.29 -34.20
C TYR C 34 -0.85 15.79 -33.95
N ASP C 35 0.12 15.47 -33.09
CA ASP C 35 0.42 14.10 -32.67
C ASP C 35 -0.22 13.64 -31.36
N LEU C 36 -0.95 14.52 -30.68
CA LEU C 36 -1.35 14.23 -29.32
C LEU C 36 -2.85 14.37 -29.07
N ASP C 37 -3.48 13.29 -28.64
CA ASP C 37 -4.89 13.29 -28.26
C ASP C 37 -5.14 13.93 -26.90
N TYR C 38 -4.16 13.82 -26.02
CA TYR C 38 -4.22 14.42 -24.69
C TYR C 38 -2.87 15.07 -24.42
N TYR C 39 -2.91 16.30 -23.94
CA TYR C 39 -1.65 17.02 -23.77
C TYR C 39 -1.74 18.15 -22.77
N TYR C 40 -0.57 18.52 -22.25
CA TYR C 40 -0.35 19.78 -21.60
C TYR C 40 0.27 20.76 -22.60
N ILE C 41 -0.26 21.97 -22.65
CA ILE C 41 0.42 23.05 -23.33
C ILE C 41 1.02 23.94 -22.26
N GLY C 42 2.30 24.21 -22.37
CA GLY C 42 2.97 24.99 -21.35
C GLY C 42 3.81 26.11 -21.90
N TRP C 43 4.25 27.00 -21.01
CA TRP C 43 5.16 28.09 -21.37
C TRP C 43 6.44 27.91 -20.59
N VAL C 44 7.54 27.82 -21.32
CA VAL C 44 8.87 27.72 -20.76
C VAL C 44 9.71 28.90 -21.25
N ARG C 45 10.44 29.54 -20.33
CA ARG C 45 11.24 30.70 -20.70
C ARG C 45 12.70 30.46 -20.42
N GLN C 46 13.58 31.17 -21.13
CA GLN C 46 15.01 31.06 -20.88
C GLN C 46 15.70 32.42 -20.93
N ALA C 47 16.23 32.84 -19.78
CA ALA C 47 17.00 34.06 -19.64
C ALA C 47 18.42 33.86 -20.18
N PRO C 48 19.12 34.96 -20.55
CA PRO C 48 20.37 34.80 -21.30
C PRO C 48 21.47 33.95 -20.63
N GLY C 49 21.64 33.99 -19.32
CA GLY C 49 22.67 33.18 -18.71
C GLY C 49 22.20 31.90 -18.03
N LYS C 50 20.93 31.56 -18.22
CA LYS C 50 20.28 30.59 -17.35
C LYS C 50 19.71 29.35 -18.05
N GLU C 51 19.34 28.37 -17.23
CA GLU C 51 18.68 27.17 -17.73
C GLU C 51 17.18 27.43 -17.92
N ARG C 52 16.54 26.66 -18.79
CA ARG C 52 15.13 26.84 -19.10
C ARG C 52 14.30 26.78 -17.82
N GLU C 53 13.24 27.57 -17.78
CA GLU C 53 12.41 27.66 -16.58
C GLU C 53 10.95 27.52 -16.98
N GLY C 54 10.34 26.42 -16.56
CA GLY C 54 8.91 26.23 -16.71
C GLY C 54 8.17 27.30 -15.93
N VAL C 55 7.15 27.89 -16.53
CA VAL C 55 6.43 28.96 -15.88
C VAL C 55 4.96 28.62 -15.65
N SER C 56 4.38 27.87 -16.58
CA SER C 56 2.96 27.57 -16.52
C SER C 56 2.52 26.52 -17.55
N CYS C 57 1.42 25.81 -17.28
CA CYS C 57 0.84 24.93 -18.28
C CYS C 57 -0.66 24.74 -18.03
N ILE C 58 -1.36 24.24 -19.05
CA ILE C 58 -2.78 23.98 -18.99
C ILE C 58 -3.07 22.64 -19.70
N SER C 59 -3.98 21.83 -19.15
CA SER C 59 -4.28 20.53 -19.76
C SER C 59 -5.40 20.64 -20.79
N SER C 60 -5.22 19.93 -21.90
CA SER C 60 -6.21 19.82 -22.97
C SER C 60 -7.45 19.10 -22.48
N THR C 61 -7.28 18.42 -21.36
CA THR C 61 -8.30 17.58 -20.78
C THR C 61 -9.45 18.35 -20.12
N ASP C 62 -9.17 19.12 -19.08
CA ASP C 62 -10.24 19.73 -18.31
C ASP C 62 -9.88 21.18 -18.00
N GLY C 63 -8.79 21.64 -18.61
CA GLY C 63 -8.34 23.01 -18.46
C GLY C 63 -7.70 23.34 -17.12
N ALA C 64 -7.25 22.31 -16.40
CA ALA C 64 -6.51 22.52 -15.16
C ALA C 64 -5.27 23.36 -15.43
N THR C 65 -5.00 24.34 -14.57
CA THR C 65 -3.85 25.22 -14.74
C THR C 65 -2.88 25.12 -13.57
N TYR C 66 -1.59 25.26 -13.87
CA TYR C 66 -0.52 25.15 -12.89
C TYR C 66 0.46 26.31 -13.09
N TYR C 67 1.07 26.76 -12.01
CA TYR C 67 1.99 27.90 -12.05
C TYR C 67 3.22 27.70 -11.19
N ALA C 68 4.38 28.14 -11.69
CA ALA C 68 5.58 28.19 -10.86
C ALA C 68 5.37 29.22 -9.75
N ASP C 69 5.98 28.97 -8.59
CA ASP C 69 5.90 29.91 -7.47
C ASP C 69 6.39 31.29 -7.93
N SER C 70 7.36 31.30 -8.82
CA SER C 70 7.97 32.54 -9.25
C SER C 70 7.05 33.43 -10.09
N VAL C 71 5.88 32.92 -10.49
CA VAL C 71 4.99 33.74 -11.30
C VAL C 71 3.57 33.72 -10.74
N LYS C 72 3.42 33.11 -9.56
CA LYS C 72 2.12 32.91 -8.93
C LYS C 72 1.48 34.27 -8.64
N GLY C 73 0.21 34.43 -8.97
CA GLY C 73 -0.52 35.68 -8.81
C GLY C 73 -0.18 36.79 -9.81
N ARG C 74 0.72 36.51 -10.75
CA ARG C 74 1.07 37.50 -11.76
C ARG C 74 0.72 36.98 -13.15
N PHE C 75 0.96 35.70 -13.38
CA PHE C 75 0.67 35.06 -14.67
C PHE C 75 -0.66 34.29 -14.67
N THR C 76 -1.42 34.36 -15.76
CA THR C 76 -2.54 33.44 -15.94
C THR C 76 -2.51 32.87 -17.36
N ILE C 77 -2.69 31.56 -17.44
CA ILE C 77 -2.63 30.89 -18.73
C ILE C 77 -4.07 30.58 -19.07
N SER C 78 -4.44 30.66 -20.34
CA SER C 78 -5.80 30.31 -20.78
C SER C 78 -5.81 29.75 -22.21
N ARG C 79 -6.97 29.27 -22.64
CA ARG C 79 -7.05 28.63 -23.94
C ARG C 79 -8.37 28.98 -24.59
N ASN C 80 -8.35 29.30 -25.87
CA ASN C 80 -9.57 29.65 -26.57
C ASN C 80 -10.40 28.43 -27.00
N ASN C 81 -9.71 27.32 -27.27
CA ASN C 81 -10.31 26.03 -27.68
C ASN C 81 -10.81 26.02 -29.10
N ALA C 82 -11.69 26.96 -29.41
CA ALA C 82 -12.32 27.01 -30.71
C ALA C 82 -11.27 27.37 -31.76
N LYS C 83 -10.45 28.35 -31.45
CA LYS C 83 -9.34 28.75 -32.33
C LYS C 83 -8.08 27.96 -32.00
N ASN C 84 -8.17 27.10 -30.97
CA ASN C 84 -7.02 26.40 -30.42
C ASN C 84 -5.82 27.34 -30.31
N THR C 85 -6.04 28.44 -29.60
CA THR C 85 -4.99 29.39 -29.29
C THR C 85 -4.77 29.39 -27.78
N VAL C 86 -3.52 29.49 -27.38
CA VAL C 86 -3.17 29.54 -25.97
C VAL C 86 -2.59 30.92 -25.59
N TYR C 87 -3.04 31.50 -24.47
CA TYR C 87 -2.63 32.84 -24.05
C TYR C 87 -1.85 32.82 -22.74
N LEU C 88 -0.88 33.72 -22.61
CA LEU C 88 -0.22 33.93 -21.33
C LEU C 88 -0.30 35.41 -20.95
N GLN C 89 -1.10 35.74 -19.93
CA GLN C 89 -1.19 37.09 -19.40
C GLN C 89 -0.13 37.35 -18.33
N MET C 90 0.81 38.24 -18.58
CA MET C 90 1.87 38.53 -17.61
C MET C 90 1.70 39.92 -17.03
N ASN C 91 1.36 40.00 -15.74
CA ASN C 91 1.11 41.27 -15.08
C ASN C 91 2.23 41.66 -14.12
N ASN C 92 2.46 42.96 -13.96
CA ASN C 92 3.49 43.45 -13.04
C ASN C 92 4.83 42.80 -13.34
N LEU C 93 5.26 42.88 -14.59
CA LEU C 93 6.53 42.30 -15.03
C LEU C 93 7.68 42.94 -14.28
N LYS C 94 8.70 42.12 -14.03
CA LYS C 94 9.91 42.56 -13.38
C LYS C 94 11.06 42.16 -14.30
N PRO C 95 12.24 42.76 -14.12
CA PRO C 95 13.35 42.40 -15.00
C PRO C 95 13.73 40.92 -14.97
N GLU C 96 13.41 40.23 -13.87
CA GLU C 96 13.66 38.78 -13.78
C GLU C 96 12.85 37.99 -14.82
N ASP C 97 11.78 38.61 -15.33
CA ASP C 97 10.90 37.99 -16.29
C ASP C 97 11.49 38.06 -17.71
N THR C 98 12.52 38.87 -17.88
CA THR C 98 13.16 39.05 -19.17
C THR C 98 13.69 37.71 -19.66
N ALA C 99 13.32 37.34 -20.87
CA ALA C 99 13.69 36.04 -21.45
C ALA C 99 13.01 35.82 -22.80
N ILE C 100 13.45 34.78 -23.48
CA ILE C 100 12.72 34.25 -24.62
C ILE C 100 11.69 33.28 -24.07
N TYR C 101 10.44 33.43 -24.50
CA TYR C 101 9.32 32.61 -24.00
C TYR C 101 8.90 31.66 -25.08
N TYR C 102 8.88 30.37 -24.75
CA TYR C 102 8.49 29.35 -25.69
C TYR C 102 7.16 28.74 -25.31
N CYS C 103 6.36 28.43 -26.30
CA CYS C 103 5.16 27.66 -26.07
C CYS C 103 5.46 26.21 -26.47
N ALA C 104 5.10 25.25 -25.62
CA ALA C 104 5.41 23.86 -25.93
C ALA C 104 4.29 22.88 -25.53
N ALA C 105 4.32 21.69 -26.11
CA ALA C 105 3.32 20.68 -25.81
C ALA C 105 3.96 19.36 -25.38
N ALA C 106 3.29 18.67 -24.45
CA ALA C 106 3.75 17.38 -23.96
C ALA C 106 2.58 16.43 -23.71
N PRO C 107 2.85 15.11 -23.72
CA PRO C 107 1.78 14.18 -23.41
C PRO C 107 1.22 14.44 -22.02
N LEU C 108 -0.04 14.12 -21.81
CA LEU C 108 -0.66 14.24 -20.51
C LEU C 108 -0.29 13.00 -19.66
N ALA C 109 0.89 13.00 -19.06
CA ALA C 109 1.40 11.83 -18.33
C ALA C 109 0.85 11.71 -16.90
N GLY C 110 1.00 12.76 -16.12
CA GLY C 110 0.56 12.77 -14.74
C GLY C 110 -0.19 14.04 -14.38
N ARG C 111 -0.66 14.14 -13.15
CA ARG C 111 -1.37 15.32 -12.71
C ARG C 111 -0.37 16.37 -12.21
N TYR C 112 0.41 16.91 -13.13
CA TYR C 112 1.44 17.88 -12.80
C TYR C 112 1.98 18.42 -14.09
N CYS C 113 2.58 19.62 -14.02
CA CYS C 113 3.18 20.24 -15.18
CA CYS C 113 3.19 20.27 -15.16
C CYS C 113 4.45 19.51 -15.60
N PRO C 114 4.61 19.33 -16.92
CA PRO C 114 5.80 18.70 -17.49
C PRO C 114 7.07 19.48 -17.13
N ALA C 115 8.18 18.79 -16.87
CA ALA C 115 9.46 19.47 -16.78
C ALA C 115 9.89 19.87 -18.20
N SER C 116 10.81 20.83 -18.29
CA SER C 116 11.23 21.35 -19.59
C SER C 116 11.72 20.26 -20.55
N HIS C 117 12.40 19.24 -20.04
CA HIS C 117 12.93 18.19 -20.89
C HIS C 117 11.83 17.23 -21.36
N GLU C 118 10.65 17.31 -20.76
CA GLU C 118 9.55 16.42 -21.13
C GLU C 118 8.65 16.96 -22.23
N TYR C 119 8.83 18.24 -22.58
CA TYR C 119 8.06 18.84 -23.67
C TYR C 119 8.57 18.30 -24.99
N GLY C 120 7.65 17.98 -25.89
CA GLY C 120 8.04 17.29 -27.12
C GLY C 120 8.08 18.15 -28.36
N TYR C 121 7.29 19.21 -28.36
CA TYR C 121 7.19 20.09 -29.52
C TYR C 121 7.28 21.53 -29.05
N TRP C 122 8.16 22.29 -29.70
CA TRP C 122 8.48 23.65 -29.30
C TRP C 122 8.18 24.66 -30.40
N GLY C 123 7.74 25.86 -30.01
CA GLY C 123 7.67 26.99 -30.92
C GLY C 123 9.03 27.62 -31.10
N GLN C 124 9.12 28.77 -31.75
CA GLN C 124 10.42 29.36 -32.01
C GLN C 124 10.78 30.39 -30.94
N GLY C 125 9.80 30.71 -30.10
CA GLY C 125 10.03 31.60 -28.97
C GLY C 125 9.80 33.06 -29.34
N THR C 126 9.39 33.86 -28.36
CA THR C 126 9.23 35.30 -28.58
C THR C 126 9.96 36.05 -27.48
N GLN C 127 10.72 37.05 -27.87
CA GLN C 127 11.55 37.80 -26.94
C GLN C 127 10.69 38.69 -26.08
N VAL C 128 10.90 38.61 -24.77
CA VAL C 128 10.29 39.54 -23.84
C VAL C 128 11.35 40.26 -23.01
N THR C 129 11.37 41.58 -23.12
CA THR C 129 12.32 42.39 -22.37
C THR C 129 11.65 43.39 -21.44
N VAL C 130 12.09 43.40 -20.19
CA VAL C 130 11.59 44.32 -19.18
C VAL C 130 12.72 45.26 -18.74
N SER C 131 12.54 46.57 -18.92
CA SER C 131 13.59 47.54 -18.58
C SER C 131 13.19 48.43 -17.42
N SER C 132 14.16 49.21 -16.93
CA SER C 132 13.95 50.31 -15.97
C SER C 132 15.23 51.16 -15.82
N ALA C 133 15.29 51.95 -14.74
CA ALA C 133 16.43 52.83 -14.39
C ALA C 133 16.57 54.07 -15.27
N PRO D 2 2.01 -2.44 16.85
CA PRO D 2 2.06 -2.56 15.38
C PRO D 2 3.22 -3.43 14.91
N LEU D 3 3.31 -3.63 13.59
CA LEU D 3 4.46 -4.34 13.03
C LEU D 3 5.70 -3.46 13.07
N GLY D 4 6.87 -4.09 13.02
CA GLY D 4 8.13 -3.37 13.07
C GLY D 4 8.25 -2.36 11.93
N SER D 5 7.77 -2.77 10.76
CA SER D 5 7.86 -1.93 9.57
C SER D 5 6.90 -0.75 9.58
N GLN D 6 5.98 -0.70 10.56
CA GLN D 6 4.99 0.37 10.53
C GLN D 6 5.50 1.71 11.11
N VAL D 7 6.67 1.67 11.72
CA VAL D 7 7.36 2.87 12.17
C VAL D 7 8.84 2.75 11.81
N GLN D 8 9.30 3.62 10.92
CA GLN D 8 10.70 3.60 10.52
C GLN D 8 11.32 4.98 10.71
N LEU D 9 12.33 5.01 11.57
CA LEU D 9 13.07 6.22 11.89
C LEU D 9 14.52 5.98 11.47
N VAL D 10 15.00 6.83 10.58
CA VAL D 10 16.38 6.73 10.12
C VAL D 10 17.03 8.12 10.32
N GLU D 11 18.13 8.18 11.08
CA GLU D 11 18.80 9.47 11.36
C GLU D 11 19.98 9.69 10.45
N SER D 12 20.25 10.95 10.11
CA SER D 12 21.46 11.25 9.37
C SER D 12 21.98 12.61 9.82
N GLY D 13 23.18 12.97 9.37
CA GLY D 13 23.66 14.32 9.62
C GLY D 13 24.82 14.43 10.57
N GLY D 14 25.13 13.35 11.29
CA GLY D 14 26.16 13.41 12.32
C GLY D 14 27.55 13.72 11.77
N GLY D 15 28.54 13.64 12.64
CA GLY D 15 29.92 13.85 12.23
C GLY D 15 30.77 14.63 13.21
N LEU D 16 31.90 15.13 12.72
CA LEU D 16 32.90 15.79 13.52
C LEU D 16 32.74 17.30 13.39
N VAL D 17 32.65 17.98 14.54
CA VAL D 17 32.37 19.42 14.60
C VAL D 17 33.32 20.14 15.54
N GLN D 18 33.76 21.32 15.13
CA GLN D 18 34.58 22.16 15.98
C GLN D 18 33.72 22.87 17.02
N ALA D 19 34.24 22.97 18.24
CA ALA D 19 33.53 23.78 19.23
C ALA D 19 33.91 25.22 18.94
N GLY D 20 32.92 26.11 18.87
CA GLY D 20 31.52 25.78 19.00
C GLY D 20 30.84 26.11 17.69
N GLY D 21 31.02 25.25 16.70
CA GLY D 21 30.29 25.42 15.46
C GLY D 21 28.93 24.77 15.59
N SER D 22 28.28 24.54 14.47
CA SER D 22 26.89 24.09 14.51
C SER D 22 26.70 22.94 13.52
N LEU D 23 25.61 22.21 13.71
CA LEU D 23 25.35 20.99 12.97
C LEU D 23 23.83 20.75 12.94
N ARG D 24 23.32 20.13 11.89
CA ARG D 24 21.89 19.84 11.82
C ARG D 24 21.66 18.35 11.59
N LEU D 25 21.03 17.67 12.54
CA LEU D 25 20.66 16.26 12.36
C LEU D 25 19.28 16.19 11.73
N SER D 26 19.00 15.15 10.96
CA SER D 26 17.65 14.96 10.45
C SER D 26 17.22 13.52 10.66
N CYS D 27 15.92 13.29 10.63
CA CYS D 27 15.41 11.94 10.71
C CYS D 27 14.23 11.80 9.77
N ALA D 28 14.35 10.83 8.87
CA ALA D 28 13.23 10.40 8.02
C ALA D 28 12.29 9.54 8.85
N ALA D 29 11.11 10.06 9.14
CA ALA D 29 10.16 9.37 10.01
C ALA D 29 8.93 8.88 9.27
N SER D 30 8.87 7.59 8.93
CA SER D 30 7.63 7.03 8.41
C SER D 30 6.82 6.41 9.55
N ILE D 31 5.81 7.13 10.02
CA ILE D 31 4.85 6.62 11.01
C ILE D 31 3.50 6.23 10.41
N LEU D 32 3.21 4.93 10.34
CA LEU D 32 1.97 4.45 9.73
C LEU D 32 1.22 3.44 10.58
N THR D 33 0.93 3.82 11.82
CA THR D 33 0.28 2.96 12.78
C THR D 33 -0.75 3.75 13.60
N TYR D 34 -1.96 3.21 13.78
CA TYR D 34 -2.99 3.96 14.50
C TYR D 34 -2.61 4.08 15.99
N ASP D 35 -1.54 3.41 16.40
CA ASP D 35 -1.07 3.54 17.77
C ASP D 35 -0.40 4.88 17.96
N LEU D 36 -0.13 5.54 16.84
CA LEU D 36 0.54 6.81 16.84
C LEU D 36 -0.19 7.78 15.92
N ASP D 37 -1.49 7.92 16.12
CA ASP D 37 -2.25 8.95 15.41
C ASP D 37 -1.86 10.30 15.99
N TYR D 38 -1.42 10.26 17.24
CA TYR D 38 -0.88 11.42 17.93
C TYR D 38 0.40 10.96 18.60
N TYR D 39 1.46 11.73 18.47
CA TYR D 39 2.76 11.28 18.97
C TYR D 39 3.71 12.43 19.24
N TYR D 40 4.66 12.18 20.13
CA TYR D 40 5.86 12.99 20.21
C TYR D 40 6.97 12.33 19.41
N ILE D 41 7.64 13.13 18.59
CA ILE D 41 8.91 12.73 18.00
C ILE D 41 10.00 13.48 18.75
N GLY D 42 11.01 12.75 19.22
CA GLY D 42 12.07 13.34 20.01
C GLY D 42 13.49 12.95 19.68
N TRP D 43 14.42 13.64 20.32
CA TRP D 43 15.83 13.33 20.23
C TRP D 43 16.38 12.96 21.60
N VAL D 44 16.98 11.79 21.68
CA VAL D 44 17.66 11.32 22.86
C VAL D 44 19.10 10.98 22.51
N ARG D 45 20.03 11.40 23.34
CA ARG D 45 21.44 11.15 23.06
C ARG D 45 22.07 10.33 24.17
N GLN D 46 23.18 9.68 23.88
CA GLN D 46 23.89 8.92 24.89
C GLN D 46 25.40 9.06 24.74
N ALA D 47 26.03 9.67 25.74
CA ALA D 47 27.48 9.79 25.82
C ALA D 47 28.08 8.44 26.28
N PRO D 48 29.37 8.19 25.97
CA PRO D 48 29.95 6.85 26.18
C PRO D 48 29.90 6.28 27.61
N GLY D 49 30.07 7.11 28.62
CA GLY D 49 30.04 6.61 29.98
C GLY D 49 28.72 6.87 30.69
N LYS D 50 27.73 7.36 29.95
CA LYS D 50 26.53 7.92 30.57
C LYS D 50 25.26 7.24 30.10
N GLU D 51 24.18 7.46 30.85
CA GLU D 51 22.85 6.98 30.51
C GLU D 51 22.18 7.89 29.49
N ARG D 52 21.16 7.38 28.80
CA ARG D 52 20.51 8.16 27.75
C ARG D 52 20.00 9.49 28.32
N GLU D 53 20.01 10.53 27.48
CA GLU D 53 19.59 11.86 27.91
C GLU D 53 18.62 12.47 26.89
N GLY D 54 17.37 12.64 27.30
CA GLY D 54 16.40 13.36 26.49
C GLY D 54 16.88 14.77 26.22
N VAL D 55 16.76 15.21 24.98
CA VAL D 55 17.30 16.51 24.64
C VAL D 55 16.20 17.43 24.11
N SER D 56 15.25 16.86 23.38
CA SER D 56 14.21 17.67 22.77
C SER D 56 13.11 16.81 22.16
N CYS D 57 11.91 17.38 22.04
CA CYS D 57 10.83 16.70 21.33
C CYS D 57 9.83 17.72 20.80
N ILE D 58 9.00 17.27 19.87
CA ILE D 58 7.98 18.10 19.23
C ILE D 58 6.73 17.27 19.07
N SER D 59 5.57 17.89 19.24
CA SER D 59 4.28 17.18 19.14
C SER D 59 3.78 17.13 17.70
N SER D 60 3.23 15.98 17.31
CA SER D 60 2.62 15.81 15.98
C SER D 60 1.39 16.69 15.86
N THR D 61 0.90 17.10 17.02
CA THR D 61 -0.34 17.83 17.20
C THR D 61 -0.29 19.29 16.74
N ASP D 62 0.56 20.09 17.38
CA ASP D 62 0.54 21.52 17.14
C ASP D 62 1.96 22.05 17.07
N GLY D 63 2.92 21.13 17.09
CA GLY D 63 4.32 21.51 17.00
C GLY D 63 4.89 22.10 18.28
N ALA D 64 4.27 21.80 19.41
CA ALA D 64 4.83 22.24 20.68
C ALA D 64 6.22 21.66 20.83
N THR D 65 7.18 22.48 21.22
CA THR D 65 8.57 22.02 21.36
C THR D 65 9.00 22.12 22.80
N TYR D 66 9.86 21.21 23.23
CA TYR D 66 10.36 21.17 24.59
C TYR D 66 11.85 20.89 24.53
N TYR D 67 12.62 21.41 25.46
CA TYR D 67 14.08 21.26 25.44
C TYR D 67 14.60 21.02 26.86
N ALA D 68 15.60 20.17 26.98
CA ALA D 68 16.33 20.01 28.24
C ALA D 68 17.08 21.29 28.54
N ASP D 69 17.22 21.61 29.83
CA ASP D 69 17.96 22.80 30.26
C ASP D 69 19.38 22.80 29.68
N SER D 70 19.99 21.63 29.61
CA SER D 70 21.38 21.49 29.18
C SER D 70 21.55 21.76 27.69
N VAL D 71 20.45 22.10 27.03
CA VAL D 71 20.47 22.31 25.60
C VAL D 71 19.63 23.54 25.19
N LYS D 72 18.99 24.14 26.18
CA LYS D 72 18.11 25.28 26.00
C LYS D 72 18.90 26.41 25.35
N GLY D 73 18.32 27.00 24.34
CA GLY D 73 18.91 28.12 23.67
C GLY D 73 19.93 27.76 22.62
N ARG D 74 20.32 26.48 22.54
CA ARG D 74 21.29 26.06 21.57
C ARG D 74 20.71 25.12 20.51
N PHE D 75 19.82 24.23 20.92
CA PHE D 75 19.19 23.29 20.00
C PHE D 75 17.78 23.74 19.62
N THR D 76 17.40 23.60 18.36
CA THR D 76 15.99 23.80 18.00
C THR D 76 15.45 22.63 17.16
N ILE D 77 14.26 22.16 17.49
CA ILE D 77 13.67 21.01 16.81
C ILE D 77 12.57 21.49 15.88
N SER D 78 12.44 20.86 14.72
CA SER D 78 11.38 21.20 13.76
C SER D 78 10.89 20.05 12.88
N ARG D 79 9.69 20.21 12.33
CA ARG D 79 9.12 19.22 11.43
C ARG D 79 8.74 19.78 10.06
N ASN D 80 9.20 19.13 8.99
CA ASN D 80 8.74 19.48 7.66
C ASN D 80 7.25 19.21 7.35
N ASN D 81 6.75 18.07 7.81
CA ASN D 81 5.37 17.62 7.61
C ASN D 81 5.23 16.92 6.27
N ALA D 82 5.56 17.67 5.21
CA ALA D 82 5.43 17.21 3.83
C ALA D 82 6.48 16.18 3.44
N LYS D 83 7.73 16.45 3.80
CA LYS D 83 8.81 15.52 3.52
C LYS D 83 8.92 14.52 4.65
N ASN D 84 8.06 14.72 5.63
CA ASN D 84 8.04 13.99 6.90
C ASN D 84 9.46 13.71 7.39
N THR D 85 10.19 14.81 7.59
CA THR D 85 11.49 14.79 8.20
C THR D 85 11.45 15.62 9.49
N VAL D 86 12.17 15.15 10.51
CA VAL D 86 12.30 15.94 11.72
C VAL D 86 13.75 16.42 11.83
N TYR D 87 13.96 17.70 12.14
CA TYR D 87 15.29 18.30 12.18
C TYR D 87 15.69 18.71 13.59
N LEU D 88 16.99 18.58 13.87
CA LEU D 88 17.55 19.12 15.10
C LEU D 88 18.73 20.02 14.77
N GLN D 89 18.48 21.33 14.89
CA GLN D 89 19.50 22.35 14.71
C GLN D 89 20.31 22.44 15.98
N MET D 90 21.58 22.04 15.90
CA MET D 90 22.43 22.02 17.07
C MET D 90 23.51 23.11 16.98
N ASN D 91 23.36 24.16 17.78
CA ASN D 91 24.29 25.29 17.74
C ASN D 91 25.27 25.33 18.91
N ASN D 92 26.44 25.91 18.66
CA ASN D 92 27.43 26.12 19.72
C ASN D 92 27.76 24.83 20.45
N LEU D 93 28.18 23.82 19.70
CA LEU D 93 28.55 22.54 20.28
C LEU D 93 29.75 22.64 21.21
N LYS D 94 29.72 21.85 22.28
CA LYS D 94 30.84 21.73 23.18
C LYS D 94 31.14 20.25 23.31
N PRO D 95 32.35 19.88 23.78
CA PRO D 95 32.70 18.46 23.87
C PRO D 95 31.73 17.63 24.76
N GLU D 96 31.05 18.28 25.69
CA GLU D 96 30.06 17.61 26.51
C GLU D 96 28.88 17.09 25.65
N ASP D 97 28.72 17.66 24.45
CA ASP D 97 27.66 17.30 23.53
C ASP D 97 27.96 16.05 22.70
N THR D 98 29.24 15.64 22.63
CA THR D 98 29.59 14.47 21.82
C THR D 98 28.86 13.24 22.34
N ALA D 99 28.23 12.51 21.43
CA ALA D 99 27.39 11.36 21.75
C ALA D 99 26.72 10.81 20.50
N ILE D 100 26.06 9.66 20.66
CA ILE D 100 25.19 9.13 19.63
C ILE D 100 23.82 9.76 19.82
N TYR D 101 23.23 10.26 18.73
CA TYR D 101 21.94 10.91 18.81
C TYR D 101 20.87 10.06 18.15
N TYR D 102 19.84 9.74 18.91
CA TYR D 102 18.75 8.90 18.43
C TYR D 102 17.47 9.73 18.25
N CYS D 103 16.71 9.41 17.23
CA CYS D 103 15.38 9.95 17.08
C CYS D 103 14.38 8.91 17.57
N ALA D 104 13.39 9.31 18.36
CA ALA D 104 12.46 8.35 18.91
C ALA D 104 11.01 8.85 18.88
N ALA D 105 10.06 7.94 18.92
CA ALA D 105 8.64 8.28 18.90
C ALA D 105 7.88 7.62 20.06
N ALA D 106 6.90 8.35 20.57
CA ALA D 106 6.07 7.87 21.66
C ALA D 106 4.65 8.41 21.53
N PRO D 107 3.68 7.76 22.19
CA PRO D 107 2.32 8.30 22.18
C PRO D 107 2.24 9.74 22.79
N LEU D 108 1.25 10.51 22.37
CA LEU D 108 1.02 11.83 22.95
C LEU D 108 0.21 11.70 24.26
N ALA D 109 0.89 11.37 25.35
CA ALA D 109 0.22 11.11 26.62
C ALA D 109 -0.10 12.37 27.42
N GLY D 110 0.92 13.19 27.65
CA GLY D 110 0.73 14.42 28.41
C GLY D 110 1.43 15.62 27.80
N ARG D 111 1.25 16.77 28.43
CA ARG D 111 1.86 18.01 27.96
C ARG D 111 3.29 18.15 28.49
N TYR D 112 4.15 17.25 28.02
CA TYR D 112 5.53 17.17 28.44
C TYR D 112 6.28 16.14 27.61
N CYS D 113 7.60 16.31 27.51
CA CYS D 113 8.40 15.38 26.75
CA CYS D 113 8.44 15.39 26.77
C CYS D 113 8.47 14.01 27.41
N PRO D 114 8.27 12.96 26.61
CA PRO D 114 8.40 11.59 27.12
C PRO D 114 9.79 11.38 27.66
N ALA D 115 9.92 10.65 28.77
CA ALA D 115 11.21 10.21 29.27
C ALA D 115 11.75 9.10 28.37
N SER D 116 13.06 8.88 28.41
CA SER D 116 13.71 7.94 27.53
C SER D 116 13.10 6.51 27.59
N HIS D 117 12.66 6.06 28.76
CA HIS D 117 12.12 4.71 28.85
C HIS D 117 10.69 4.67 28.32
N GLU D 118 10.10 5.84 28.08
CA GLU D 118 8.73 5.89 27.57
C GLU D 118 8.65 5.90 26.04
N TYR D 119 9.77 6.04 25.34
CA TYR D 119 9.74 5.98 23.88
C TYR D 119 9.56 4.55 23.39
N GLY D 120 8.71 4.38 22.38
CA GLY D 120 8.33 3.06 21.90
C GLY D 120 9.07 2.64 20.63
N TYR D 121 9.53 3.61 19.87
CA TYR D 121 10.19 3.34 18.60
C TYR D 121 11.44 4.18 18.47
N TRP D 122 12.54 3.53 18.11
CA TRP D 122 13.86 4.17 18.05
C TRP D 122 14.47 4.09 16.66
N GLY D 123 15.22 5.13 16.27
CA GLY D 123 16.08 5.04 15.11
C GLY D 123 17.38 4.32 15.48
N GLN D 124 18.33 4.24 14.56
CA GLN D 124 19.54 3.47 14.86
C GLN D 124 20.68 4.36 15.41
N GLY D 125 20.45 5.67 15.40
CA GLY D 125 21.38 6.63 15.97
C GLY D 125 22.42 7.14 14.98
N THR D 126 22.84 8.39 15.18
CA THR D 126 23.92 8.98 14.37
C THR D 126 24.95 9.61 15.31
N GLN D 127 26.21 9.35 15.03
CA GLN D 127 27.33 9.81 15.85
C GLN D 127 27.60 11.30 15.68
N VAL D 128 27.67 12.04 16.79
CA VAL D 128 28.13 13.43 16.77
C VAL D 128 29.37 13.58 17.67
N THR D 129 30.48 14.04 17.09
CA THR D 129 31.73 14.28 17.82
C THR D 129 32.20 15.75 17.74
N VAL D 130 32.47 16.34 18.91
CA VAL D 130 32.92 17.73 19.03
C VAL D 130 34.35 17.78 19.54
N SER D 131 35.24 18.43 18.81
CA SER D 131 36.65 18.51 19.19
C SER D 131 37.01 19.92 19.64
#